data_7H72
#
_entry.id   7H72
#
_cell.length_a   87.322
_cell.length_b   87.322
_cell.length_c   85.710
_cell.angle_alpha   90.00
_cell.angle_beta   90.00
_cell.angle_gamma   120.00
#
_symmetry.space_group_name_H-M   'P 31'
#
loop_
_entity.id
_entity.type
_entity.pdbx_description
1 polymer 'Non-structural protein 3'
2 non-polymer 'DIMETHYL SULFOXIDE'
3 non-polymer 'CHLORIDE ION'
4 non-polymer 1-(2-hydroxyethyl)-1H-pyrazole-4-carboxamide
5 water water
#
_entity_poly.entity_id   1
_entity_poly.type   'polypeptide(L)'
_entity_poly.pdbx_seq_one_letter_code
;GAMAPSYRVKRMDIAKNDEECVVNAANPRGLPGDGVCKAVYKKWPESFKNSATPVGTAKTVMCGTYPVIHAVGPNFSNYT
ESEGDRELAAAYREVAKEVTRLGVNSVAIPLLSTGVYSGGKDRLTQSLNHLFTAMDSTDADVVIYCRDKEWEKKISEAIQ
MRT
;
_entity_poly.pdbx_strand_id   A,B,C,D
#
loop_
_chem_comp.id
_chem_comp.type
_chem_comp.name
_chem_comp.formula
CL non-polymer 'CHLORIDE ION' 'Cl -1'
DMS non-polymer 'DIMETHYL SULFOXIDE' 'C2 H6 O S'
W17 non-polymer 1-(2-hydroxyethyl)-1H-pyrazole-4-carboxamide 'C6 H9 N3 O2'
#
# COMPACT_ATOMS: atom_id res chain seq x y z
N GLY A 1 16.78 13.74 -10.60
CA GLY A 1 16.25 15.07 -11.08
C GLY A 1 15.27 14.89 -12.23
N ALA A 2 14.35 15.82 -12.42
CA ALA A 2 13.46 15.79 -13.60
C ALA A 2 14.24 16.17 -14.85
N MET A 3 13.88 15.69 -16.04
CA MET A 3 14.64 16.03 -17.30
C MET A 3 14.57 17.55 -17.62
N ALA A 4 13.43 18.17 -17.33
CA ALA A 4 13.22 19.61 -17.57
C ALA A 4 12.41 20.15 -16.39
N PRO A 5 13.08 20.37 -15.24
CA PRO A 5 12.37 20.73 -14.01
C PRO A 5 11.32 21.84 -14.21
N SER A 6 10.09 21.63 -13.76
CA SER A 6 8.96 22.54 -14.00
C SER A 6 8.26 22.89 -12.69
N TYR A 7 7.42 23.93 -12.75
CA TYR A 7 6.35 24.23 -11.78
C TYR A 7 5.00 24.09 -12.44
N ARG A 8 4.06 23.47 -11.75
CA ARG A 8 2.66 23.37 -12.18
C ARG A 8 1.77 23.62 -10.98
N VAL A 9 0.49 23.88 -11.24
CA VAL A 9 -0.51 24.08 -10.17
C VAL A 9 -1.74 23.26 -10.49
N LYS A 10 -2.26 22.56 -9.49
CA LYS A 10 -3.55 21.85 -9.62
C LYS A 10 -4.50 22.23 -8.49
N ARG A 11 -5.79 22.27 -8.79
CA ARG A 11 -6.83 22.57 -7.80
C ARG A 11 -7.54 21.27 -7.46
N MET A 12 -7.11 20.64 -6.38
CA MET A 12 -7.63 19.34 -5.91
C MET A 12 -6.96 19.01 -4.56
N ASP A 13 -7.47 17.98 -3.93
CA ASP A 13 -6.94 17.42 -2.66
C ASP A 13 -5.53 16.87 -2.87
N ILE A 14 -4.55 17.41 -2.14
CA ILE A 14 -3.12 16.97 -2.20
C ILE A 14 -2.99 15.50 -1.78
N ALA A 15 -3.94 14.94 -1.03
CA ALA A 15 -3.95 13.49 -0.71
C ALA A 15 -4.12 12.62 -1.95
N LYS A 16 -4.52 13.16 -3.11
CA LYS A 16 -4.69 12.44 -4.38
C LYS A 16 -3.53 12.78 -5.34
N ASN A 17 -2.41 13.32 -4.86
CA ASN A 17 -1.30 13.78 -5.73
C ASN A 17 -0.69 12.63 -6.56
N ASP A 18 -0.06 12.97 -7.68
CA ASP A 18 0.65 12.04 -8.58
C ASP A 18 2.15 12.28 -8.53
N GLU A 19 2.70 12.73 -7.38
CA GLU A 19 4.13 13.01 -7.24
C GLU A 19 4.82 11.94 -6.34
N GLU A 20 6.13 12.00 -6.30
CA GLU A 20 6.94 10.97 -5.59
C GLU A 20 7.00 11.22 -4.08
N CYS A 21 6.58 12.39 -3.61
CA CYS A 21 6.48 12.69 -2.18
C CYS A 21 5.54 13.86 -1.98
N VAL A 22 5.15 14.08 -0.74
CA VAL A 22 4.21 15.14 -0.36
C VAL A 22 4.76 15.97 0.76
N VAL A 23 4.45 17.26 0.75
CA VAL A 23 4.71 18.21 1.86
C VAL A 23 3.41 18.44 2.59
N ASN A 24 3.41 18.10 3.87
CA ASN A 24 2.25 18.37 4.76
C ASN A 24 2.40 19.79 5.34
N ALA A 25 1.32 20.55 5.33
CA ALA A 25 1.27 21.83 6.09
C ALA A 25 0.96 21.47 7.55
N ALA A 26 1.97 21.04 8.29
CA ALA A 26 1.86 20.41 9.62
C ALA A 26 1.73 21.47 10.72
N ASN A 27 1.28 20.97 11.87
CA ASN A 27 1.40 21.74 13.13
C ASN A 27 2.67 21.31 13.83
N PRO A 28 3.20 22.08 14.81
CA PRO A 28 4.45 21.69 15.47
C PRO A 28 4.36 20.41 16.32
N ARG A 29 3.14 19.98 16.65
CA ARG A 29 2.93 18.88 17.63
C ARG A 29 2.68 17.53 16.97
N GLY A 30 2.68 17.45 15.64
CA GLY A 30 2.40 16.19 14.97
C GLY A 30 0.99 15.73 15.20
N LEU A 31 0.04 16.64 15.45
CA LEU A 31 -1.39 16.31 15.64
C LEU A 31 -2.11 16.23 14.31
N PRO A 32 -3.21 15.45 14.20
CA PRO A 32 -4.00 15.35 12.96
C PRO A 32 -4.41 16.69 12.39
N GLY A 33 -4.76 17.66 13.22
CA GLY A 33 -4.99 19.02 12.70
C GLY A 33 -6.25 19.16 11.88
N ASP A 34 -6.29 20.14 10.99
CA ASP A 34 -7.43 20.40 10.09
C ASP A 34 -6.89 20.75 8.69
N GLY A 35 -7.77 20.84 7.70
CA GLY A 35 -7.40 21.21 6.31
C GLY A 35 -6.44 20.21 5.68
N VAL A 36 -5.37 20.70 5.01
CA VAL A 36 -4.36 19.82 4.36
C VAL A 36 -3.88 18.80 5.40
N CYS A 37 -3.58 19.21 6.61
CA CYS A 37 -2.98 18.30 7.63
C CYS A 37 -3.91 17.11 7.92
N LYS A 38 -5.22 17.37 8.05
CA LYS A 38 -6.16 16.26 8.33
C LYS A 38 -6.29 15.34 7.10
N ALA A 39 -6.23 15.87 5.88
CA ALA A 39 -6.30 15.02 4.66
C ALA A 39 -5.08 14.11 4.66
N VAL A 40 -3.93 14.68 5.01
CA VAL A 40 -2.63 13.96 5.02
C VAL A 40 -2.69 12.90 6.12
N TYR A 41 -3.28 13.23 7.29
CA TYR A 41 -3.42 12.24 8.38
C TYR A 41 -4.29 11.06 7.95
N LYS A 42 -5.38 11.34 7.24
CA LYS A 42 -6.26 10.22 6.81
C LYS A 42 -5.58 9.34 5.75
N LYS A 43 -4.77 9.94 4.88
CA LYS A 43 -4.14 9.19 3.77
C LYS A 43 -2.87 8.46 4.21
N TRP A 44 -2.08 9.06 5.08
CA TRP A 44 -0.74 8.59 5.48
C TRP A 44 -0.61 8.64 7.00
N PRO A 45 -1.50 8.02 7.79
CA PRO A 45 -1.43 8.19 9.26
C PRO A 45 -0.13 7.68 9.86
N GLU A 46 0.52 6.68 9.26
CA GLU A 46 1.79 6.12 9.76
C GLU A 46 2.90 7.19 9.76
N SER A 47 2.78 8.20 8.90
CA SER A 47 3.80 9.25 8.78
C SER A 47 3.74 10.22 9.96
N PHE A 48 2.81 10.04 10.89
CA PHE A 48 2.72 10.96 12.05
C PHE A 48 3.45 10.40 13.28
N LYS A 49 4.15 9.27 13.12
CA LYS A 49 5.07 8.73 14.16
C LYS A 49 6.24 9.68 14.38
N ASN A 50 6.30 10.35 15.52
CA ASN A 50 7.44 11.25 15.83
C ASN A 50 7.63 12.31 14.72
N SER A 51 6.52 12.89 14.28
CA SER A 51 6.58 13.99 13.27
C SER A 51 6.61 15.38 13.91
N ALA A 52 6.45 15.53 15.21
CA ALA A 52 6.52 16.86 15.87
C ALA A 52 7.87 17.52 15.61
N THR A 53 7.86 18.81 15.28
CA THR A 53 9.09 19.56 14.90
C THR A 53 8.77 21.04 15.10
N PRO A 54 9.77 21.88 15.35
CA PRO A 54 9.50 23.30 15.60
C PRO A 54 9.05 24.10 14.39
N VAL A 55 8.50 25.26 14.67
CA VAL A 55 8.16 26.21 13.60
C VAL A 55 9.41 26.52 12.81
N GLY A 56 9.25 26.62 11.47
CA GLY A 56 10.37 27.02 10.58
C GLY A 56 11.20 25.82 10.14
N THR A 57 10.83 24.60 10.50
CA THR A 57 11.53 23.33 10.16
C THR A 57 10.64 22.38 9.37
N ALA A 58 11.30 21.36 8.82
CA ALA A 58 10.62 20.25 8.16
C ALA A 58 11.22 18.95 8.68
N LYS A 59 10.38 17.98 8.82
CA LYS A 59 10.78 16.65 9.32
C LYS A 59 10.10 15.61 8.44
N THR A 60 10.89 14.72 7.81
CA THR A 60 10.36 13.68 6.91
C THR A 60 10.13 12.38 7.68
N VAL A 61 8.97 11.78 7.48
CA VAL A 61 8.64 10.44 8.01
C VAL A 61 8.04 9.65 6.87
N MET A 62 8.52 8.41 6.69
N MET A 62 8.53 8.42 6.71
CA MET A 62 8.13 7.51 5.59
CA MET A 62 8.07 7.49 5.65
C MET A 62 6.80 6.81 5.94
C MET A 62 6.68 6.95 6.00
N CYS A 63 5.86 6.75 4.98
CA CYS A 63 4.64 5.92 5.06
C CYS A 63 4.88 4.79 4.07
N GLY A 64 5.32 3.62 4.54
CA GLY A 64 5.86 2.63 3.60
C GLY A 64 7.14 3.13 3.02
N THR A 65 7.24 3.32 1.71
CA THR A 65 8.36 3.95 1.06
C THR A 65 8.00 5.36 0.55
N TYR A 66 6.81 5.83 0.87
CA TYR A 66 6.33 7.15 0.36
C TYR A 66 6.69 8.25 1.38
N PRO A 67 7.57 9.22 1.03
CA PRO A 67 7.99 10.23 2.01
C PRO A 67 6.96 11.35 2.23
N VAL A 68 6.66 11.62 3.50
CA VAL A 68 5.80 12.75 3.94
C VAL A 68 6.69 13.76 4.63
N ILE A 69 6.86 14.94 4.05
CA ILE A 69 7.73 15.99 4.59
C ILE A 69 6.80 16.91 5.41
N HIS A 70 6.90 16.85 6.73
CA HIS A 70 6.08 17.70 7.61
C HIS A 70 6.71 19.07 7.76
N ALA A 71 6.18 20.10 7.11
CA ALA A 71 6.74 21.47 7.12
C ALA A 71 5.86 22.38 7.97
N VAL A 72 6.47 22.97 8.99
CA VAL A 72 5.69 23.77 9.99
C VAL A 72 5.87 25.27 9.75
N GLY A 73 4.89 25.85 9.08
CA GLY A 73 4.84 27.30 8.89
C GLY A 73 4.36 27.98 10.16
N PRO A 74 4.66 29.27 10.31
CA PRO A 74 4.20 30.06 11.44
C PRO A 74 2.70 30.36 11.36
N ASN A 75 2.10 30.43 12.57
CA ASN A 75 0.71 30.93 12.70
C ASN A 75 0.80 32.45 12.89
N PHE A 76 0.40 33.22 11.89
CA PHE A 76 0.52 34.70 11.89
C PHE A 76 -0.42 35.34 12.94
N SER A 77 -1.28 34.55 13.57
CA SER A 77 -2.00 35.06 14.77
C SER A 77 -1.02 35.31 15.92
N ASN A 78 0.07 34.55 15.99
CA ASN A 78 0.99 34.55 17.15
C ASN A 78 2.31 35.26 16.89
N TYR A 79 2.78 35.21 15.65
CA TYR A 79 4.06 35.80 15.18
C TYR A 79 3.81 37.25 14.73
N THR A 80 4.82 38.11 14.92
CA THR A 80 4.84 39.43 14.25
C THR A 80 4.97 39.22 12.73
N GLU A 81 4.57 40.20 11.92
CA GLU A 81 4.75 40.09 10.43
C GLU A 81 6.21 39.77 10.12
N SER A 82 7.17 40.45 10.75
CA SER A 82 8.62 40.30 10.49
C SER A 82 9.08 38.88 10.85
N GLU A 83 8.80 38.41 12.07
CA GLU A 83 9.33 37.11 12.52
C GLU A 83 8.55 36.00 11.80
N GLY A 84 7.27 36.19 11.52
CA GLY A 84 6.50 35.20 10.76
C GLY A 84 7.07 35.07 9.37
N ASP A 85 7.37 36.20 8.72
CA ASP A 85 7.96 36.13 7.37
C ASP A 85 9.26 35.33 7.41
N ARG A 86 10.15 35.54 8.39
CA ARG A 86 11.42 34.82 8.50
C ARG A 86 11.16 33.32 8.67
N GLU A 87 10.23 32.94 9.53
CA GLU A 87 9.96 31.52 9.81
C GLU A 87 9.36 30.87 8.57
N LEU A 88 8.51 31.56 7.82
CA LEU A 88 7.84 31.00 6.62
C LEU A 88 8.91 30.74 5.55
N ALA A 89 9.82 31.69 5.32
CA ALA A 89 10.95 31.47 4.40
C ALA A 89 11.79 30.28 4.83
N ALA A 90 12.09 30.15 6.12
CA ALA A 90 12.95 29.09 6.67
C ALA A 90 12.26 27.72 6.48
N ALA A 91 10.94 27.61 6.71
CA ALA A 91 10.27 26.29 6.52
C ALA A 91 10.48 25.83 5.08
N TYR A 92 10.28 26.71 4.10
CA TYR A 92 10.45 26.31 2.68
C TYR A 92 11.90 25.95 2.39
N ARG A 93 12.87 26.65 2.96
CA ARG A 93 14.29 26.28 2.77
C ARG A 93 14.51 24.85 3.29
N GLU A 94 13.94 24.47 4.45
CA GLU A 94 14.11 23.10 4.97
C GLU A 94 13.38 22.11 4.06
N VAL A 95 12.24 22.44 3.44
CA VAL A 95 11.61 21.56 2.46
C VAL A 95 12.57 21.30 1.31
N ALA A 96 13.21 22.31 0.77
CA ALA A 96 14.12 22.10 -0.39
C ALA A 96 15.27 21.16 -0.02
N LYS A 97 15.82 21.29 1.18
CA LYS A 97 16.88 20.39 1.71
C LYS A 97 16.35 18.94 1.72
N GLU A 98 15.15 18.71 2.27
CA GLU A 98 14.59 17.36 2.34
C GLU A 98 14.33 16.77 0.96
N VAL A 99 13.71 17.53 0.06
CA VAL A 99 13.41 17.08 -1.32
C VAL A 99 14.75 16.66 -1.98
N THR A 100 15.79 17.47 -1.79
CA THR A 100 17.13 17.14 -2.36
C THR A 100 17.70 15.86 -1.75
N ARG A 101 17.66 15.73 -0.43
CA ARG A 101 18.21 14.55 0.28
C ARG A 101 17.51 13.26 -0.18
N LEU A 102 16.20 13.30 -0.39
CA LEU A 102 15.39 12.13 -0.73
C LEU A 102 15.68 11.66 -2.17
N GLY A 103 16.18 12.52 -3.03
CA GLY A 103 16.48 12.18 -4.43
C GLY A 103 15.25 11.97 -5.27
N VAL A 104 14.11 12.50 -4.85
CA VAL A 104 12.85 12.39 -5.63
C VAL A 104 12.93 13.22 -6.91
N ASN A 105 12.17 12.83 -7.92
CA ASN A 105 12.07 13.62 -9.17
C ASN A 105 10.85 14.54 -9.17
N SER A 106 9.99 14.46 -8.15
CA SER A 106 8.73 15.28 -8.12
C SER A 106 8.26 15.39 -6.66
N VAL A 107 7.58 16.49 -6.36
CA VAL A 107 7.05 16.79 -4.99
C VAL A 107 5.72 17.54 -5.15
N ALA A 108 4.75 17.18 -4.33
CA ALA A 108 3.45 17.88 -4.17
C ALA A 108 3.57 18.82 -2.97
N ILE A 109 3.22 20.09 -3.13
N ILE A 109 3.30 20.12 -3.16
CA ILE A 109 3.43 21.10 -2.05
CA ILE A 109 3.49 21.17 -2.11
C ILE A 109 2.26 22.06 -1.97
C ILE A 109 2.20 21.99 -1.98
N PRO A 110 1.74 22.29 -0.75
CA PRO A 110 0.71 23.29 -0.51
C PRO A 110 1.38 24.64 -0.17
N LEU A 111 0.59 25.73 -0.19
CA LEU A 111 1.11 27.07 0.19
C LEU A 111 1.01 27.21 1.72
N LEU A 112 2.16 27.10 2.37
CA LEU A 112 2.25 27.16 3.85
C LEU A 112 1.72 28.51 4.35
N SER A 113 1.07 28.44 5.54
CA SER A 113 0.58 29.64 6.27
C SER A 113 -0.47 30.43 5.47
N THR A 114 -1.22 29.84 4.55
CA THR A 114 -2.23 30.58 3.76
C THR A 114 -3.66 30.33 4.24
N GLY A 115 -3.87 29.37 5.13
CA GLY A 115 -5.22 28.97 5.61
C GLY A 115 -5.41 29.46 7.04
N VAL A 116 -5.63 28.54 7.98
CA VAL A 116 -5.91 28.96 9.39
C VAL A 116 -4.67 29.51 10.09
N TYR A 117 -3.46 29.46 9.50
CA TYR A 117 -2.27 30.11 10.05
C TYR A 117 -2.01 31.50 9.40
N SER A 118 -2.92 31.99 8.55
CA SER A 118 -2.70 33.26 7.80
C SER A 118 -2.99 34.52 8.64
N GLY A 119 -3.46 34.38 9.86
CA GLY A 119 -3.89 35.54 10.67
C GLY A 119 -4.90 36.42 9.94
N GLY A 120 -5.76 35.81 9.10
CA GLY A 120 -6.88 36.48 8.42
C GLY A 120 -6.44 37.34 7.24
N LYS A 121 -5.21 37.16 6.73
CA LYS A 121 -4.68 37.94 5.58
C LYS A 121 -4.46 37.01 4.39
N ASP A 122 -4.63 37.56 3.19
CA ASP A 122 -4.27 36.91 1.92
C ASP A 122 -2.76 36.89 1.81
N ARG A 123 -2.16 35.68 1.90
CA ARG A 123 -0.69 35.52 1.82
C ARG A 123 -0.30 34.65 0.61
N LEU A 124 -1.14 34.60 -0.42
CA LEU A 124 -0.78 33.83 -1.66
C LEU A 124 0.61 34.26 -2.13
N THR A 125 0.80 35.53 -2.49
CA THR A 125 2.05 36.00 -3.10
C THR A 125 3.23 35.80 -2.14
N GLN A 126 3.05 36.13 -0.86
CA GLN A 126 4.15 36.01 0.15
C GLN A 126 4.60 34.54 0.21
N SER A 127 3.63 33.65 0.35
CA SER A 127 3.97 32.22 0.55
C SER A 127 4.55 31.66 -0.74
N LEU A 128 3.90 31.95 -1.89
CA LEU A 128 4.40 31.42 -3.19
C LEU A 128 5.82 31.92 -3.48
N ASN A 129 6.13 33.18 -3.19
CA ASN A 129 7.48 33.73 -3.48
C ASN A 129 8.50 33.05 -2.59
N HIS A 130 8.17 32.73 -1.33
CA HIS A 130 9.14 31.99 -0.50
C HIS A 130 9.32 30.55 -1.01
N LEU A 131 8.27 29.94 -1.53
CA LEU A 131 8.31 28.59 -2.16
C LEU A 131 9.31 28.66 -3.33
N PHE A 132 9.15 29.64 -4.20
CA PHE A 132 10.07 29.76 -5.37
C PHE A 132 11.48 30.01 -4.91
N THR A 133 11.72 30.90 -3.95
CA THR A 133 13.09 31.20 -3.48
C THR A 133 13.79 29.89 -3.07
N ALA A 134 13.08 29.02 -2.34
CA ALA A 134 13.66 27.76 -1.85
C ALA A 134 13.81 26.74 -2.97
N MET A 135 12.80 26.58 -3.81
CA MET A 135 12.71 25.42 -4.73
C MET A 135 13.42 25.71 -6.05
N ASP A 136 13.74 26.95 -6.35
CA ASP A 136 14.28 27.24 -7.71
C ASP A 136 15.62 26.54 -7.92
N SER A 137 16.41 26.29 -6.89
CA SER A 137 17.74 25.63 -7.02
C SER A 137 17.61 24.11 -7.02
N THR A 138 16.39 23.57 -6.81
CA THR A 138 16.18 22.12 -6.86
C THR A 138 15.79 21.70 -8.29
N ASP A 139 16.00 20.42 -8.62
CA ASP A 139 15.65 19.90 -9.95
C ASP A 139 14.45 18.96 -9.91
N ALA A 140 13.67 18.95 -8.82
CA ALA A 140 12.41 18.22 -8.79
C ALA A 140 11.31 18.94 -9.59
N ASP A 141 10.44 18.21 -10.25
CA ASP A 141 9.15 18.78 -10.73
C ASP A 141 8.32 19.15 -9.50
N VAL A 142 7.89 20.39 -9.41
CA VAL A 142 7.07 20.87 -8.26
C VAL A 142 5.64 21.02 -8.72
N VAL A 143 4.71 20.42 -8.02
CA VAL A 143 3.27 20.58 -8.30
C VAL A 143 2.65 21.22 -7.07
N ILE A 144 2.15 22.42 -7.20
CA ILE A 144 1.52 23.19 -6.10
C ILE A 144 0.06 22.81 -6.10
N TYR A 145 -0.51 22.53 -4.93
CA TYR A 145 -1.93 22.14 -4.77
C TYR A 145 -2.64 23.28 -4.05
N CYS A 146 -3.82 23.60 -4.53
CA CYS A 146 -4.71 24.62 -3.93
C CYS A 146 -6.18 24.18 -4.04
N ARG A 147 -7.10 24.90 -3.40
CA ARG A 147 -8.54 24.50 -3.39
C ARG A 147 -9.45 25.57 -4.03
N ASP A 148 -9.01 26.83 -4.05
CA ASP A 148 -9.83 27.98 -4.51
C ASP A 148 -9.58 28.26 -6.00
N LYS A 149 -10.66 28.47 -6.78
CA LYS A 149 -10.58 28.73 -8.24
C LYS A 149 -9.80 30.02 -8.58
N GLU A 150 -9.98 31.09 -7.81
CA GLU A 150 -9.24 32.35 -8.05
C GLU A 150 -7.74 32.18 -7.71
N TRP A 151 -7.45 31.44 -6.64
CA TRP A 151 -6.04 31.15 -6.28
C TRP A 151 -5.36 30.34 -7.38
N GLU A 152 -6.07 29.36 -7.96
CA GLU A 152 -5.50 28.54 -9.07
C GLU A 152 -5.06 29.49 -10.18
N LYS A 153 -5.91 30.45 -10.54
CA LYS A 153 -5.61 31.34 -11.69
C LYS A 153 -4.40 32.21 -11.33
N LYS A 154 -4.33 32.74 -10.10
CA LYS A 154 -3.23 33.63 -9.69
C LYS A 154 -1.90 32.87 -9.58
N ILE A 155 -1.91 31.65 -9.05
CA ILE A 155 -0.66 30.84 -8.98
C ILE A 155 -0.20 30.49 -10.41
N SER A 156 -1.14 30.11 -11.28
CA SER A 156 -0.81 29.75 -12.68
C SER A 156 -0.19 30.96 -13.39
N GLU A 157 -0.76 32.14 -13.17
CA GLU A 157 -0.23 33.41 -13.75
C GLU A 157 1.18 33.70 -13.24
N ALA A 158 1.43 33.51 -11.94
CA ALA A 158 2.75 33.77 -11.36
C ALA A 158 3.77 32.80 -11.95
N ILE A 159 3.39 31.54 -12.16
CA ILE A 159 4.33 30.55 -12.75
C ILE A 159 4.67 31.00 -14.18
N GLN A 160 3.64 31.37 -14.95
CA GLN A 160 3.79 31.59 -16.42
C GLN A 160 4.60 32.87 -16.62
N MET A 161 4.50 33.83 -15.70
CA MET A 161 5.21 35.13 -15.76
C MET A 161 6.72 34.93 -15.85
N ARG A 162 7.26 33.90 -15.18
CA ARG A 162 8.72 33.66 -15.05
C ARG A 162 9.26 32.81 -16.22
N THR A 163 8.39 32.21 -17.05
CA THR A 163 8.77 31.23 -18.11
C THR A 163 9.03 31.96 -19.44
N GLY B 1 -4.07 1.80 -34.24
CA GLY B 1 -5.10 0.72 -34.00
C GLY B 1 -4.49 -0.49 -33.31
N ALA B 2 -5.32 -1.34 -32.71
CA ALA B 2 -4.89 -2.63 -32.13
C ALA B 2 -4.68 -3.60 -33.29
N MET B 3 -3.68 -4.50 -33.26
CA MET B 3 -3.31 -5.22 -34.51
C MET B 3 -4.44 -6.21 -34.88
N ALA B 4 -5.20 -6.65 -33.88
CA ALA B 4 -6.46 -7.38 -34.09
C ALA B 4 -7.50 -6.77 -33.16
N PRO B 5 -8.15 -5.66 -33.57
CA PRO B 5 -9.13 -5.03 -32.69
C PRO B 5 -10.06 -6.05 -32.02
N SER B 6 -10.26 -5.92 -30.72
CA SER B 6 -11.07 -6.84 -29.90
C SER B 6 -12.03 -6.08 -28.97
N TYR B 7 -12.98 -6.84 -28.45
CA TYR B 7 -13.79 -6.52 -27.26
C TYR B 7 -13.44 -7.50 -26.13
N ARG B 8 -13.26 -6.98 -24.91
CA ARG B 8 -13.00 -7.78 -23.68
C ARG B 8 -13.87 -7.21 -22.55
N VAL B 9 -14.20 -8.01 -21.53
CA VAL B 9 -14.95 -7.52 -20.34
C VAL B 9 -14.09 -7.80 -19.09
N LYS B 10 -14.08 -6.87 -18.15
CA LYS B 10 -13.36 -7.03 -16.86
C LYS B 10 -14.33 -6.61 -15.77
N ARG B 11 -14.49 -7.44 -14.74
CA ARG B 11 -15.37 -7.17 -13.58
C ARG B 11 -14.51 -6.59 -12.45
N MET B 12 -14.40 -5.26 -12.42
CA MET B 12 -13.49 -4.51 -11.52
C MET B 12 -13.74 -3.01 -11.68
N ASP B 13 -13.15 -2.21 -10.78
CA ASP B 13 -13.28 -0.74 -10.74
C ASP B 13 -12.52 -0.14 -11.94
N ILE B 14 -13.24 0.58 -12.77
CA ILE B 14 -12.70 1.15 -14.02
C ILE B 14 -11.60 2.17 -13.70
N ALA B 15 -11.52 2.68 -12.47
CA ALA B 15 -10.41 3.61 -12.12
C ALA B 15 -9.06 2.85 -12.13
N LYS B 16 -9.08 1.53 -12.05
CA LYS B 16 -7.84 0.68 -12.06
C LYS B 16 -7.54 0.16 -13.46
N ASN B 17 -8.19 0.67 -14.51
CA ASN B 17 -7.98 0.18 -15.90
C ASN B 17 -6.50 0.31 -16.33
N ASP B 18 -6.09 -0.59 -17.23
CA ASP B 18 -4.78 -0.63 -17.93
C ASP B 18 -4.92 -0.18 -19.40
N GLU B 19 -5.96 0.59 -19.77
CA GLU B 19 -6.11 1.07 -21.15
C GLU B 19 -5.57 2.48 -21.31
N GLU B 20 -5.51 2.96 -22.54
CA GLU B 20 -4.89 4.25 -22.91
C GLU B 20 -5.81 5.43 -22.66
N CYS B 21 -7.08 5.19 -22.27
CA CYS B 21 -8.04 6.25 -21.92
C CYS B 21 -9.25 5.61 -21.25
N VAL B 22 -10.03 6.46 -20.58
CA VAL B 22 -11.20 6.00 -19.80
C VAL B 22 -12.41 6.83 -20.26
N VAL B 23 -13.53 6.12 -20.30
CA VAL B 23 -14.89 6.73 -20.44
C VAL B 23 -15.55 6.79 -19.05
N ASN B 24 -15.85 8.00 -18.62
CA ASN B 24 -16.59 8.27 -17.38
C ASN B 24 -18.10 8.22 -17.74
N ALA B 25 -18.88 7.56 -16.92
CA ALA B 25 -20.36 7.62 -16.98
C ALA B 25 -20.76 8.89 -16.24
N ALA B 26 -20.67 10.04 -16.89
CA ALA B 26 -20.71 11.39 -16.30
C ALA B 26 -22.15 11.86 -16.10
N ASN B 27 -22.32 12.85 -15.23
CA ASN B 27 -23.54 13.66 -15.22
C ASN B 27 -23.32 14.91 -16.06
N PRO B 28 -24.36 15.65 -16.43
CA PRO B 28 -24.21 16.83 -17.29
C PRO B 28 -23.43 18.00 -16.67
N ARG B 29 -23.25 18.02 -15.35
CA ARG B 29 -22.77 19.24 -14.65
C ARG B 29 -21.33 19.06 -14.21
N GLY B 30 -20.72 17.93 -14.51
CA GLY B 30 -19.33 17.64 -14.09
C GLY B 30 -19.19 17.61 -12.59
N LEU B 31 -20.17 17.03 -11.93
CA LEU B 31 -20.21 16.83 -10.47
C LEU B 31 -19.71 15.44 -10.18
N PRO B 32 -19.24 15.16 -8.94
CA PRO B 32 -18.77 13.82 -8.56
C PRO B 32 -19.64 12.54 -8.71
N GLY B 33 -20.92 12.57 -8.41
CA GLY B 33 -21.85 11.48 -8.82
C GLY B 33 -21.75 10.17 -8.05
N ASP B 34 -22.26 9.09 -8.65
CA ASP B 34 -22.37 7.73 -8.03
C ASP B 34 -21.65 6.70 -8.92
N GLY B 35 -21.53 5.46 -8.43
CA GLY B 35 -20.94 4.35 -9.18
C GLY B 35 -19.62 4.72 -9.86
N VAL B 36 -19.54 4.45 -11.16
CA VAL B 36 -18.33 4.75 -11.99
C VAL B 36 -17.86 6.20 -11.82
N CYS B 37 -18.74 7.19 -11.80
CA CYS B 37 -18.37 8.61 -11.77
C CYS B 37 -17.63 8.90 -10.45
N LYS B 38 -18.09 8.32 -9.35
CA LYS B 38 -17.47 8.55 -8.01
C LYS B 38 -16.04 7.99 -8.02
N ALA B 39 -15.85 6.82 -8.63
CA ALA B 39 -14.51 6.18 -8.77
C ALA B 39 -13.57 7.02 -9.65
N VAL B 40 -14.07 7.60 -10.74
CA VAL B 40 -13.30 8.51 -11.63
C VAL B 40 -12.95 9.83 -10.93
N TYR B 41 -13.85 10.39 -10.12
CA TYR B 41 -13.58 11.64 -9.37
C TYR B 41 -12.51 11.42 -8.29
N LYS B 42 -12.46 10.20 -7.76
CA LYS B 42 -11.52 9.84 -6.66
C LYS B 42 -10.09 9.83 -7.19
N LYS B 43 -9.88 9.58 -8.50
CA LYS B 43 -8.52 9.52 -9.10
C LYS B 43 -8.20 10.75 -9.95
N TRP B 44 -9.14 11.20 -10.78
CA TRP B 44 -8.93 12.28 -11.75
C TRP B 44 -9.88 13.43 -11.50
N PRO B 45 -9.90 14.04 -10.28
CA PRO B 45 -10.81 15.15 -10.05
C PRO B 45 -10.50 16.35 -10.93
N GLU B 46 -9.21 16.61 -11.23
CA GLU B 46 -8.85 17.74 -12.14
C GLU B 46 -9.36 17.48 -13.55
N SER B 47 -9.72 16.25 -13.87
CA SER B 47 -10.43 15.97 -15.14
C SER B 47 -11.88 16.50 -15.13
N PHE B 48 -12.45 16.97 -14.01
CA PHE B 48 -13.79 17.57 -13.97
C PHE B 48 -13.75 19.07 -14.21
N LYS B 49 -12.55 19.63 -14.42
CA LYS B 49 -12.44 21.07 -14.71
C LYS B 49 -13.15 21.34 -16.04
N ASN B 50 -14.26 22.06 -15.97
CA ASN B 50 -15.03 22.49 -17.18
C ASN B 50 -15.42 21.23 -17.97
N SER B 51 -15.82 20.17 -17.29
CA SER B 51 -16.27 18.93 -17.98
C SER B 51 -17.80 18.92 -18.21
N ALA B 52 -18.55 19.89 -17.70
CA ALA B 52 -20.01 19.96 -17.92
C ALA B 52 -20.31 19.88 -19.44
N THR B 53 -21.30 19.09 -19.84
CA THR B 53 -21.61 18.89 -21.27
C THR B 53 -23.02 18.31 -21.33
N PRO B 54 -23.80 18.54 -22.40
CA PRO B 54 -25.17 18.07 -22.46
C PRO B 54 -25.33 16.55 -22.51
N VAL B 55 -26.53 16.11 -22.14
CA VAL B 55 -26.94 14.71 -22.34
C VAL B 55 -26.72 14.36 -23.83
N GLY B 56 -26.23 13.15 -24.10
CA GLY B 56 -26.01 12.63 -25.44
C GLY B 56 -24.69 13.08 -26.04
N THR B 57 -23.82 13.69 -25.25
CA THR B 57 -22.50 14.16 -25.72
C THR B 57 -21.37 13.59 -24.89
N ALA B 58 -20.16 13.72 -25.40
CA ALA B 58 -18.91 13.38 -24.70
C ALA B 58 -17.97 14.57 -24.77
N LYS B 59 -17.31 14.83 -23.64
CA LYS B 59 -16.29 15.90 -23.49
C LYS B 59 -15.02 15.27 -22.90
N THR B 60 -13.88 15.49 -23.55
CA THR B 60 -12.60 14.89 -23.08
C THR B 60 -11.77 15.98 -22.37
N VAL B 61 -11.31 15.63 -21.19
CA VAL B 61 -10.39 16.50 -20.41
C VAL B 61 -9.13 15.68 -20.21
N MET B 62 -7.98 16.26 -20.63
CA MET B 62 -6.67 15.64 -20.53
C MET B 62 -6.11 15.85 -19.12
N CYS B 63 -5.67 14.76 -18.51
CA CYS B 63 -4.87 14.74 -17.27
C CYS B 63 -3.43 14.42 -17.68
N GLY B 64 -2.63 15.44 -18.00
CA GLY B 64 -1.33 15.19 -18.66
C GLY B 64 -1.59 14.56 -20.02
N THR B 65 -1.14 13.32 -20.25
CA THR B 65 -1.31 12.65 -21.57
C THR B 65 -2.50 11.69 -21.53
N TYR B 66 -3.19 11.58 -20.39
CA TYR B 66 -4.25 10.54 -20.18
C TYR B 66 -5.61 11.18 -20.39
N PRO B 67 -6.35 10.79 -21.46
CA PRO B 67 -7.69 11.31 -21.70
C PRO B 67 -8.80 10.63 -20.86
N VAL B 68 -9.60 11.51 -20.24
CA VAL B 68 -10.87 11.18 -19.55
C VAL B 68 -12.01 11.68 -20.41
N ILE B 69 -12.73 10.72 -20.99
CA ILE B 69 -13.88 11.02 -21.89
C ILE B 69 -15.20 11.01 -21.07
N HIS B 70 -15.69 12.19 -20.76
CA HIS B 70 -16.96 12.28 -19.94
C HIS B 70 -18.15 12.07 -20.90
N ALA B 71 -18.80 10.92 -20.82
CA ALA B 71 -19.95 10.55 -21.70
C ALA B 71 -21.25 10.65 -20.88
N VAL B 72 -22.16 11.52 -21.31
CA VAL B 72 -23.41 11.78 -20.53
C VAL B 72 -24.58 10.95 -21.11
N GLY B 73 -24.87 9.81 -20.53
CA GLY B 73 -26.08 9.06 -20.86
C GLY B 73 -27.30 9.68 -20.18
N PRO B 74 -28.50 9.41 -20.72
CA PRO B 74 -29.74 9.98 -20.17
C PRO B 74 -30.09 9.28 -18.85
N ASN B 75 -30.76 10.06 -17.99
CA ASN B 75 -31.42 9.50 -16.78
C ASN B 75 -32.84 9.09 -17.20
N PHE B 76 -33.09 7.79 -17.24
CA PHE B 76 -34.42 7.24 -17.63
C PHE B 76 -35.52 7.53 -16.58
N SER B 77 -35.20 8.12 -15.42
CA SER B 77 -36.24 8.65 -14.49
C SER B 77 -36.78 10.00 -15.02
N ASN B 78 -36.13 10.60 -16.01
CA ASN B 78 -36.54 11.91 -16.58
C ASN B 78 -36.89 11.85 -18.06
N TYR B 79 -36.16 11.09 -18.83
CA TYR B 79 -36.41 10.88 -20.29
C TYR B 79 -37.46 9.79 -20.46
N THR B 80 -38.28 9.92 -21.51
CA THR B 80 -39.11 8.80 -21.95
C THR B 80 -38.26 7.68 -22.55
N GLU B 81 -38.81 6.49 -22.71
CA GLU B 81 -38.07 5.36 -23.35
C GLU B 81 -37.61 5.79 -24.74
N SER B 82 -38.46 6.47 -25.51
CA SER B 82 -38.10 6.87 -26.88
C SER B 82 -36.94 7.88 -26.86
N GLU B 83 -37.08 8.96 -26.11
CA GLU B 83 -36.12 10.07 -26.15
C GLU B 83 -34.81 9.61 -25.49
N GLY B 84 -34.91 8.79 -24.46
CA GLY B 84 -33.71 8.21 -23.80
C GLY B 84 -32.99 7.28 -24.69
N ASP B 85 -33.67 6.47 -25.48
CA ASP B 85 -32.96 5.53 -26.39
C ASP B 85 -32.10 6.33 -27.36
N ARG B 86 -32.61 7.44 -27.88
CA ARG B 86 -31.92 8.25 -28.87
C ARG B 86 -30.70 8.90 -28.20
N GLU B 87 -30.85 9.44 -26.98
CA GLU B 87 -29.72 10.13 -26.29
C GLU B 87 -28.64 9.13 -25.90
N LEU B 88 -29.01 7.91 -25.55
CA LEU B 88 -28.05 6.85 -25.15
C LEU B 88 -27.26 6.43 -26.40
N ALA B 89 -27.88 6.24 -27.54
CA ALA B 89 -27.18 5.98 -28.81
C ALA B 89 -26.22 7.13 -29.09
N ALA B 90 -26.66 8.38 -28.95
CA ALA B 90 -25.88 9.58 -29.28
C ALA B 90 -24.63 9.65 -28.38
N ALA B 91 -24.75 9.37 -27.09
CA ALA B 91 -23.59 9.48 -26.18
C ALA B 91 -22.54 8.49 -26.68
N TYR B 92 -22.90 7.26 -27.01
CA TYR B 92 -21.91 6.26 -27.49
C TYR B 92 -21.34 6.72 -28.85
N ARG B 93 -22.13 7.28 -29.75
CA ARG B 93 -21.57 7.75 -31.04
C ARG B 93 -20.49 8.81 -30.76
N GLU B 94 -20.70 9.70 -29.78
N GLU B 94 -20.70 9.68 -29.77
CA GLU B 94 -19.70 10.74 -29.43
CA GLU B 94 -19.72 10.75 -29.45
C GLU B 94 -18.45 10.10 -28.82
C GLU B 94 -18.47 10.12 -28.80
N VAL B 95 -18.62 9.04 -28.03
CA VAL B 95 -17.46 8.29 -27.49
C VAL B 95 -16.63 7.75 -28.67
N ALA B 96 -17.24 7.17 -29.68
CA ALA B 96 -16.50 6.57 -30.81
C ALA B 96 -15.71 7.66 -31.53
N LYS B 97 -16.31 8.82 -31.78
CA LYS B 97 -15.62 9.97 -32.42
C LYS B 97 -14.43 10.38 -31.57
N GLU B 98 -14.56 10.47 -30.26
CA GLU B 98 -13.47 10.96 -29.39
C GLU B 98 -12.34 9.92 -29.40
N VAL B 99 -12.66 8.64 -29.25
CA VAL B 99 -11.65 7.56 -29.24
C VAL B 99 -10.88 7.64 -30.58
N THR B 100 -11.57 7.83 -31.67
CA THR B 100 -10.94 7.91 -33.03
C THR B 100 -10.02 9.13 -33.02
N ARG B 101 -10.52 10.28 -32.60
CA ARG B 101 -9.74 11.55 -32.61
C ARG B 101 -8.46 11.41 -31.79
N LEU B 102 -8.51 10.72 -30.67
CA LEU B 102 -7.41 10.67 -29.67
C LEU B 102 -6.31 9.76 -30.19
N GLY B 103 -6.62 8.86 -31.11
CA GLY B 103 -5.63 7.94 -31.72
C GLY B 103 -5.17 6.87 -30.76
N VAL B 104 -5.89 6.64 -29.66
CA VAL B 104 -5.60 5.58 -28.67
C VAL B 104 -5.76 4.23 -29.34
N ASN B 105 -5.04 3.24 -28.82
CA ASN B 105 -5.13 1.83 -29.26
C ASN B 105 -6.02 1.02 -28.32
N SER B 106 -6.44 1.60 -27.18
CA SER B 106 -7.34 0.92 -26.23
C SER B 106 -8.16 1.96 -25.45
N VAL B 107 -9.29 1.51 -24.93
CA VAL B 107 -10.22 2.37 -24.16
C VAL B 107 -10.99 1.49 -23.19
N ALA B 108 -11.18 1.98 -21.98
CA ALA B 108 -11.99 1.39 -20.91
C ALA B 108 -13.35 2.09 -20.93
N ILE B 109 -14.43 1.32 -21.03
N ILE B 109 -14.42 1.30 -21.07
CA ILE B 109 -15.80 1.90 -21.17
CA ILE B 109 -15.83 1.77 -21.25
C ILE B 109 -16.77 1.15 -20.27
C ILE B 109 -16.74 1.12 -20.21
N PRO B 110 -17.60 1.88 -19.48
CA PRO B 110 -18.66 1.28 -18.69
C PRO B 110 -19.97 1.26 -19.50
N LEU B 111 -20.99 0.54 -19.01
CA LEU B 111 -22.32 0.53 -19.68
C LEU B 111 -23.12 1.75 -19.20
N LEU B 112 -23.26 2.75 -20.04
CA LEU B 112 -23.98 4.00 -19.75
C LEU B 112 -25.46 3.69 -19.47
N SER B 113 -25.98 4.45 -18.51
CA SER B 113 -27.41 4.48 -18.11
C SER B 113 -27.86 3.15 -17.48
N THR B 114 -26.96 2.32 -16.94
CA THR B 114 -27.33 0.99 -16.35
C THR B 114 -27.37 1.06 -14.81
N GLY B 115 -26.90 2.14 -14.20
CA GLY B 115 -26.91 2.27 -12.72
C GLY B 115 -28.05 3.17 -12.27
N VAL B 116 -27.71 4.21 -11.52
CA VAL B 116 -28.68 5.22 -10.97
C VAL B 116 -29.53 5.80 -12.11
N TYR B 117 -29.01 5.92 -13.34
CA TYR B 117 -29.76 6.52 -14.49
C TYR B 117 -30.67 5.48 -15.18
N SER B 118 -30.80 4.25 -14.69
CA SER B 118 -31.58 3.19 -15.39
C SER B 118 -33.11 3.34 -15.26
N GLY B 119 -33.58 4.17 -14.33
CA GLY B 119 -35.01 4.30 -14.09
C GLY B 119 -35.59 3.02 -13.50
N GLY B 120 -34.78 2.26 -12.77
CA GLY B 120 -35.17 0.98 -12.13
C GLY B 120 -35.30 -0.21 -13.06
N LYS B 121 -34.88 -0.09 -14.33
CA LYS B 121 -34.99 -1.19 -15.34
C LYS B 121 -33.60 -1.79 -15.61
N ASP B 122 -33.58 -3.07 -15.97
CA ASP B 122 -32.36 -3.79 -16.40
C ASP B 122 -32.07 -3.35 -17.85
N ARG B 123 -30.97 -2.59 -18.05
CA ARG B 123 -30.67 -2.05 -19.41
C ARG B 123 -29.35 -2.61 -19.95
N LEU B 124 -28.91 -3.77 -19.47
CA LEU B 124 -27.63 -4.35 -19.97
C LEU B 124 -27.71 -4.47 -21.51
N THR B 125 -28.69 -5.15 -22.05
CA THR B 125 -28.77 -5.48 -23.50
C THR B 125 -28.90 -4.18 -24.31
N GLN B 126 -29.75 -3.27 -23.87
CA GLN B 126 -29.94 -1.96 -24.54
C GLN B 126 -28.62 -1.20 -24.59
N SER B 127 -27.97 -1.07 -23.46
CA SER B 127 -26.75 -0.23 -23.39
C SER B 127 -25.61 -0.91 -24.16
N LEU B 128 -25.47 -2.22 -24.06
CA LEU B 128 -24.43 -2.98 -24.79
C LEU B 128 -24.69 -2.88 -26.30
N ASN B 129 -25.93 -2.95 -26.74
CA ASN B 129 -26.29 -2.86 -28.19
C ASN B 129 -25.80 -1.50 -28.69
N HIS B 130 -26.10 -0.41 -27.97
CA HIS B 130 -25.66 0.93 -28.43
C HIS B 130 -24.12 1.06 -28.41
N LEU B 131 -23.46 0.42 -27.45
CA LEU B 131 -21.99 0.47 -27.34
C LEU B 131 -21.43 -0.20 -28.61
N PHE B 132 -21.89 -1.38 -28.95
CA PHE B 132 -21.44 -2.08 -30.16
C PHE B 132 -21.73 -1.24 -31.39
N THR B 133 -22.95 -0.73 -31.53
CA THR B 133 -23.33 0.00 -32.77
C THR B 133 -22.32 1.14 -33.01
N ALA B 134 -21.91 1.84 -31.95
CA ALA B 134 -20.96 2.95 -32.08
C ALA B 134 -19.52 2.45 -32.26
N MET B 135 -19.10 1.46 -31.47
CA MET B 135 -17.66 1.16 -31.38
C MET B 135 -17.28 0.16 -32.47
N ASP B 136 -18.21 -0.52 -33.14
CA ASP B 136 -17.84 -1.60 -34.08
C ASP B 136 -16.91 -1.06 -35.18
N SER B 137 -17.13 0.17 -35.63
CA SER B 137 -16.34 0.75 -36.77
C SER B 137 -14.99 1.31 -36.30
N THR B 138 -14.70 1.33 -35.01
CA THR B 138 -13.40 1.80 -34.46
C THR B 138 -12.43 0.61 -34.39
N ASP B 139 -11.12 0.89 -34.43
CA ASP B 139 -10.10 -0.18 -34.31
C ASP B 139 -9.39 -0.18 -32.96
N ALA B 140 -9.85 0.58 -31.98
CA ALA B 140 -9.29 0.48 -30.62
C ALA B 140 -9.69 -0.86 -29.99
N ASP B 141 -8.82 -1.42 -29.17
CA ASP B 141 -9.20 -2.49 -28.24
C ASP B 141 -10.15 -1.90 -27.19
N VAL B 142 -11.34 -2.46 -27.11
CA VAL B 142 -12.38 -1.99 -26.15
C VAL B 142 -12.47 -2.96 -24.99
N VAL B 143 -12.34 -2.40 -23.77
CA VAL B 143 -12.48 -3.14 -22.50
C VAL B 143 -13.70 -2.58 -21.77
N ILE B 144 -14.72 -3.40 -21.71
CA ILE B 144 -16.03 -3.09 -21.04
C ILE B 144 -15.91 -3.45 -19.55
N TYR B 145 -16.19 -2.51 -18.67
CA TYR B 145 -16.09 -2.69 -17.19
C TYR B 145 -17.49 -2.92 -16.63
N CYS B 146 -17.60 -3.79 -15.65
CA CYS B 146 -18.85 -4.02 -14.87
C CYS B 146 -18.44 -4.41 -13.44
N ARG B 147 -19.41 -4.53 -12.55
CA ARG B 147 -19.14 -4.95 -11.14
C ARG B 147 -19.84 -6.26 -10.77
N ASP B 148 -21.01 -6.53 -11.38
CA ASP B 148 -21.87 -7.70 -11.05
C ASP B 148 -21.37 -8.94 -11.80
N LYS B 149 -21.36 -10.09 -11.12
CA LYS B 149 -20.90 -11.37 -11.69
C LYS B 149 -21.87 -11.90 -12.76
N GLU B 150 -23.18 -11.73 -12.60
CA GLU B 150 -24.17 -12.19 -13.61
C GLU B 150 -24.07 -11.29 -14.85
N TRP B 151 -23.80 -10.00 -14.65
CA TRP B 151 -23.61 -9.05 -15.81
C TRP B 151 -22.33 -9.40 -16.57
N GLU B 152 -21.21 -9.61 -15.86
CA GLU B 152 -19.95 -10.06 -16.51
C GLU B 152 -20.23 -11.25 -17.43
N LYS B 153 -20.94 -12.27 -16.93
CA LYS B 153 -21.31 -13.49 -17.70
C LYS B 153 -22.09 -13.12 -18.97
N LYS B 154 -23.14 -12.31 -18.85
CA LYS B 154 -23.99 -11.95 -20.01
C LYS B 154 -23.22 -11.07 -21.00
N ILE B 155 -22.34 -10.18 -20.52
CA ILE B 155 -21.55 -9.30 -21.45
C ILE B 155 -20.58 -10.21 -22.22
N SER B 156 -19.81 -11.02 -21.48
CA SER B 156 -18.87 -12.01 -22.05
C SER B 156 -19.61 -12.86 -23.09
N GLU B 157 -20.82 -13.34 -22.77
CA GLU B 157 -21.60 -14.21 -23.69
C GLU B 157 -21.87 -13.44 -24.98
N ALA B 158 -22.39 -12.23 -24.84
CA ALA B 158 -22.76 -11.36 -25.98
C ALA B 158 -21.53 -11.13 -26.87
N ILE B 159 -20.34 -10.91 -26.31
CA ILE B 159 -19.08 -10.67 -27.11
C ILE B 159 -18.76 -11.93 -27.93
N GLN B 160 -18.71 -13.09 -27.26
CA GLN B 160 -18.30 -14.40 -27.85
C GLN B 160 -19.25 -14.82 -28.97
N MET B 161 -20.54 -14.49 -28.83
CA MET B 161 -21.63 -14.88 -29.75
C MET B 161 -21.48 -14.24 -31.13
N ARG B 162 -20.71 -13.15 -31.26
CA ARG B 162 -20.72 -12.32 -32.50
C ARG B 162 -19.65 -12.79 -33.47
N THR B 163 -18.67 -13.54 -32.96
CA THR B 163 -17.38 -13.90 -33.59
C THR B 163 -17.36 -15.42 -33.85
N GLY C 1 7.94 -25.30 9.44
CA GLY C 1 8.97 -24.21 9.21
C GLY C 1 10.32 -24.76 8.79
N ALA C 2 11.15 -23.96 8.10
CA ALA C 2 12.58 -24.26 7.89
C ALA C 2 13.30 -24.21 9.24
N MET C 3 14.30 -25.07 9.47
CA MET C 3 15.00 -25.12 10.78
C MET C 3 15.73 -23.79 11.05
N ALA C 4 16.22 -23.13 10.02
CA ALA C 4 16.91 -21.82 10.13
C ALA C 4 16.46 -20.96 8.96
N PRO C 5 15.25 -20.38 9.05
CA PRO C 5 14.65 -19.65 7.91
C PRO C 5 15.63 -18.65 7.27
N SER C 6 15.74 -18.70 5.96
CA SER C 6 16.71 -17.88 5.19
C SER C 6 16.08 -17.14 4.02
N TYR C 7 16.82 -16.18 3.48
CA TYR C 7 16.62 -15.58 2.15
C TYR C 7 17.75 -15.93 1.21
N ARG C 8 17.44 -16.27 -0.03
CA ARG C 8 18.44 -16.50 -1.10
C ARG C 8 17.93 -15.83 -2.37
N VAL C 9 18.81 -15.53 -3.29
CA VAL C 9 18.46 -15.06 -4.64
C VAL C 9 19.10 -15.98 -5.69
N LYS C 10 18.34 -16.27 -6.74
CA LYS C 10 18.79 -17.03 -7.91
C LYS C 10 18.45 -16.28 -9.21
N ARG C 11 19.41 -16.26 -10.13
CA ARG C 11 19.23 -15.73 -11.51
C ARG C 11 18.83 -16.89 -12.43
N MET C 12 17.52 -17.20 -12.45
CA MET C 12 16.97 -18.46 -13.03
C MET C 12 15.50 -18.25 -13.35
N ASP C 13 14.97 -19.02 -14.31
CA ASP C 13 13.53 -19.05 -14.65
C ASP C 13 12.75 -19.57 -13.43
N ILE C 14 11.82 -18.79 -12.89
CA ILE C 14 11.04 -19.19 -11.69
C ILE C 14 10.19 -20.42 -12.04
N ALA C 15 9.94 -20.65 -13.31
CA ALA C 15 9.11 -21.80 -13.71
C ALA C 15 9.86 -23.11 -13.47
N LYS C 16 11.17 -23.02 -13.21
N LYS C 16 11.17 -23.04 -13.20
CA LYS C 16 12.10 -24.15 -12.95
CA LYS C 16 12.03 -24.22 -12.92
C LYS C 16 12.52 -24.19 -11.47
C LYS C 16 12.54 -24.17 -11.48
N ASN C 17 11.79 -23.50 -10.57
CA ASN C 17 12.20 -23.41 -9.17
C ASN C 17 12.28 -24.76 -8.44
N ASP C 18 13.00 -24.79 -7.33
CA ASP C 18 13.24 -25.96 -6.44
C ASP C 18 12.57 -25.78 -5.07
N GLU C 19 11.48 -25.01 -5.01
CA GLU C 19 10.75 -24.78 -3.77
C GLU C 19 9.38 -25.46 -3.76
N GLU C 20 8.75 -25.44 -2.58
CA GLU C 20 7.45 -26.17 -2.35
C GLU C 20 6.24 -25.44 -2.92
N CYS C 21 6.37 -24.18 -3.30
CA CYS C 21 5.30 -23.42 -3.95
C CYS C 21 5.90 -22.21 -4.67
N VAL C 22 5.11 -21.58 -5.54
CA VAL C 22 5.55 -20.46 -6.39
C VAL C 22 4.59 -19.30 -6.24
N VAL C 23 5.12 -18.08 -6.27
CA VAL C 23 4.31 -16.84 -6.44
C VAL C 23 4.34 -16.42 -7.88
N ASN C 24 3.15 -16.28 -8.47
CA ASN C 24 3.00 -15.73 -9.83
C ASN C 24 2.80 -14.22 -9.71
N ALA C 25 3.51 -13.45 -10.51
CA ALA C 25 3.26 -12.00 -10.64
C ALA C 25 2.05 -11.87 -11.59
N ALA C 26 0.88 -11.95 -11.01
CA ALA C 26 -0.42 -12.12 -11.71
C ALA C 26 -1.02 -10.78 -12.17
N ASN C 27 -2.04 -10.86 -13.02
CA ASN C 27 -2.91 -9.73 -13.42
C ASN C 27 -4.27 -9.99 -12.81
N PRO C 28 -5.09 -8.94 -12.55
CA PRO C 28 -6.35 -9.14 -11.85
C PRO C 28 -7.36 -10.06 -12.59
N ARG C 29 -7.22 -10.21 -13.89
CA ARG C 29 -8.19 -10.99 -14.72
C ARG C 29 -7.83 -12.48 -14.63
N GLY C 30 -6.61 -12.80 -14.21
CA GLY C 30 -6.19 -14.20 -14.22
C GLY C 30 -5.85 -14.70 -15.61
N LEU C 31 -5.32 -13.84 -16.49
CA LEU C 31 -4.89 -14.19 -17.86
C LEU C 31 -3.43 -14.63 -17.88
N PRO C 32 -3.01 -15.44 -18.87
CA PRO C 32 -1.61 -15.76 -19.13
C PRO C 32 -0.65 -14.56 -19.10
N GLY C 33 -1.04 -13.42 -19.64
CA GLY C 33 -0.19 -12.22 -19.56
C GLY C 33 1.14 -12.41 -20.28
N ASP C 34 2.21 -11.79 -19.76
CA ASP C 34 3.58 -11.81 -20.34
C ASP C 34 4.60 -11.92 -19.20
N GLY C 35 5.89 -12.02 -19.53
CA GLY C 35 6.98 -12.10 -18.54
C GLY C 35 6.91 -13.39 -17.73
N VAL C 36 7.07 -13.31 -16.40
CA VAL C 36 6.95 -14.47 -15.47
C VAL C 36 5.55 -15.06 -15.63
N CYS C 37 4.52 -14.21 -15.81
CA CYS C 37 3.10 -14.67 -15.85
C CYS C 37 2.90 -15.69 -16.98
N LYS C 38 3.54 -15.50 -18.14
CA LYS C 38 3.46 -16.41 -19.31
C LYS C 38 4.24 -17.72 -19.07
N ALA C 39 5.51 -17.67 -18.67
CA ALA C 39 6.32 -18.86 -18.32
C ALA C 39 5.59 -19.68 -17.24
N VAL C 40 4.92 -19.00 -16.30
CA VAL C 40 4.16 -19.63 -15.18
C VAL C 40 2.92 -20.33 -15.79
N TYR C 41 2.23 -19.64 -16.72
CA TYR C 41 1.04 -20.18 -17.42
C TYR C 41 1.47 -21.43 -18.19
N LYS C 42 2.62 -21.41 -18.85
CA LYS C 42 3.10 -22.56 -19.68
C LYS C 42 3.44 -23.74 -18.76
N LYS C 43 3.98 -23.50 -17.56
CA LYS C 43 4.37 -24.59 -16.61
C LYS C 43 3.19 -25.13 -15.83
N TRP C 44 2.27 -24.27 -15.39
CA TRP C 44 1.15 -24.64 -14.50
C TRP C 44 -0.17 -24.08 -14.99
N PRO C 45 -0.59 -24.40 -16.25
CA PRO C 45 -1.82 -23.80 -16.80
C PRO C 45 -3.06 -24.13 -15.96
N GLU C 46 -3.13 -25.32 -15.33
CA GLU C 46 -4.29 -25.71 -14.50
C GLU C 46 -4.51 -24.73 -13.34
N SER C 47 -3.44 -24.06 -12.91
CA SER C 47 -3.54 -23.13 -11.76
C SER C 47 -4.24 -21.82 -12.15
N PHE C 48 -4.56 -21.60 -13.44
CA PHE C 48 -5.23 -20.36 -13.95
C PHE C 48 -6.76 -20.56 -14.01
N LYS C 49 -7.27 -21.69 -13.53
CA LYS C 49 -8.73 -21.87 -13.31
C LYS C 49 -9.23 -20.97 -12.17
N ASN C 50 -10.02 -19.95 -12.49
CA ASN C 50 -10.63 -19.05 -11.46
C ASN C 50 -9.53 -18.43 -10.58
N SER C 51 -8.45 -18.00 -11.22
CA SER C 51 -7.30 -17.34 -10.54
C SER C 51 -7.48 -15.83 -10.44
N ALA C 52 -8.49 -15.26 -11.11
CA ALA C 52 -8.72 -13.79 -11.03
C ALA C 52 -8.78 -13.38 -9.56
N THR C 53 -8.16 -12.24 -9.22
CA THR C 53 -8.14 -11.71 -7.84
C THR C 53 -7.75 -10.23 -7.91
N PRO C 54 -8.30 -9.36 -7.04
CA PRO C 54 -8.05 -7.93 -7.17
C PRO C 54 -6.60 -7.50 -6.93
N VAL C 55 -6.26 -6.32 -7.43
CA VAL C 55 -4.97 -5.63 -7.12
C VAL C 55 -4.83 -5.57 -5.60
N GLY C 56 -3.61 -5.86 -5.11
CA GLY C 56 -3.34 -5.81 -3.68
C GLY C 56 -3.65 -7.09 -2.92
N THR C 57 -4.03 -8.17 -3.62
CA THR C 57 -4.44 -9.46 -3.02
C THR C 57 -3.62 -10.60 -3.62
N ALA C 58 -3.76 -11.77 -2.99
CA ALA C 58 -3.16 -13.02 -3.48
C ALA C 58 -4.22 -14.13 -3.37
N LYS C 59 -4.26 -14.98 -4.39
CA LYS C 59 -5.18 -16.14 -4.44
C LYS C 59 -4.36 -17.37 -4.84
N THR C 60 -4.45 -18.44 -4.04
CA THR C 60 -3.75 -19.72 -4.35
C THR C 60 -4.64 -20.68 -5.15
N VAL C 61 -4.12 -21.17 -6.26
CA VAL C 61 -4.77 -22.28 -7.00
C VAL C 61 -3.74 -23.40 -7.15
N MET C 62 -4.19 -24.63 -6.87
CA MET C 62 -3.33 -25.82 -7.02
C MET C 62 -3.22 -26.21 -8.49
N CYS C 63 -2.03 -26.62 -8.88
CA CYS C 63 -1.75 -27.35 -10.13
C CYS C 63 -1.36 -28.76 -9.69
N GLY C 64 -2.29 -29.72 -9.75
CA GLY C 64 -2.07 -30.98 -9.02
C GLY C 64 -2.12 -30.77 -7.51
N THR C 65 -1.00 -30.95 -6.79
CA THR C 65 -0.88 -30.58 -5.38
C THR C 65 0.11 -29.39 -5.23
N TYR C 66 0.63 -28.88 -6.34
CA TYR C 66 1.69 -27.84 -6.29
C TYR C 66 0.99 -26.46 -6.22
N PRO C 67 1.14 -25.69 -5.09
CA PRO C 67 0.43 -24.42 -4.96
C PRO C 67 1.07 -23.29 -5.80
N VAL C 68 0.23 -22.63 -6.59
CA VAL C 68 0.55 -21.37 -7.30
C VAL C 68 -0.18 -20.21 -6.63
N ILE C 69 0.59 -19.30 -6.00
CA ILE C 69 0.03 -18.14 -5.27
C ILE C 69 0.00 -16.97 -6.25
N HIS C 70 -1.19 -16.62 -6.78
CA HIS C 70 -1.31 -15.52 -7.76
C HIS C 70 -1.41 -14.18 -7.00
N ALA C 71 -0.33 -13.42 -7.03
CA ALA C 71 -0.19 -12.13 -6.28
C ALA C 71 -0.25 -10.99 -7.28
N VAL C 72 -1.22 -10.10 -7.02
CA VAL C 72 -1.48 -9.00 -7.99
C VAL C 72 -0.91 -7.69 -7.41
N GLY C 73 0.28 -7.34 -7.85
CA GLY C 73 0.85 -6.02 -7.52
C GLY C 73 0.19 -4.98 -8.40
N PRO C 74 0.29 -3.69 -8.01
CA PRO C 74 -0.22 -2.60 -8.84
C PRO C 74 0.64 -2.38 -10.07
N ASN C 75 -0.01 -1.94 -11.14
CA ASN C 75 0.66 -1.43 -12.34
C ASN C 75 0.89 0.07 -12.14
N PHE C 76 2.14 0.44 -12.00
CA PHE C 76 2.50 1.85 -11.73
C PHE C 76 2.36 2.69 -13.01
N SER C 77 2.04 2.11 -14.16
CA SER C 77 1.64 2.93 -15.33
C SER C 77 0.34 3.68 -15.01
N ASN C 78 -0.48 3.12 -14.16
CA ASN C 78 -1.89 3.50 -13.90
C ASN C 78 -2.03 4.05 -12.47
N TYR C 79 -1.29 3.49 -11.52
CA TYR C 79 -1.37 3.88 -10.09
C TYR C 79 -0.41 5.05 -9.83
N THR C 80 -0.81 5.97 -8.95
CA THR C 80 0.14 6.99 -8.46
C THR C 80 1.20 6.31 -7.58
N GLU C 81 2.29 7.03 -7.34
CA GLU C 81 3.34 6.50 -6.41
C GLU C 81 2.71 6.23 -5.04
N SER C 82 1.88 7.15 -4.53
CA SER C 82 1.27 6.98 -3.20
C SER C 82 0.37 5.75 -3.17
N GLU C 83 -0.61 5.65 -4.08
CA GLU C 83 -1.63 4.58 -4.01
C GLU C 83 -0.93 3.25 -4.32
N GLY C 84 -0.01 3.25 -5.24
CA GLY C 84 0.67 2.00 -5.65
C GLY C 84 1.55 1.49 -4.54
N ASP C 85 2.23 2.35 -3.78
CA ASP C 85 3.05 1.88 -2.66
C ASP C 85 2.22 1.09 -1.67
N ARG C 86 1.00 1.54 -1.37
CA ARG C 86 0.14 0.86 -0.37
C ARG C 86 -0.40 -0.46 -0.94
N GLU C 87 -0.67 -0.53 -2.24
CA GLU C 87 -1.19 -1.77 -2.87
C GLU C 87 -0.04 -2.78 -3.00
N LEU C 88 1.20 -2.34 -3.21
CA LEU C 88 2.36 -3.27 -3.37
C LEU C 88 2.61 -3.89 -1.99
N ALA C 89 2.58 -3.09 -0.93
CA ALA C 89 2.73 -3.58 0.45
C ALA C 89 1.66 -4.64 0.73
N ALA C 90 0.43 -4.36 0.34
CA ALA C 90 -0.71 -5.26 0.64
C ALA C 90 -0.55 -6.59 -0.11
N ALA C 91 -0.14 -6.55 -1.38
CA ALA C 91 0.02 -7.80 -2.17
C ALA C 91 1.04 -8.69 -1.45
N TYR C 92 2.14 -8.14 -0.97
CA TYR C 92 3.13 -8.96 -0.27
C TYR C 92 2.60 -9.51 1.06
N ARG C 93 1.85 -8.71 1.81
N ARG C 93 1.85 -8.70 1.82
CA ARG C 93 1.24 -9.19 3.08
CA ARG C 93 1.23 -9.17 3.08
C ARG C 93 0.32 -10.37 2.76
C ARG C 93 0.31 -10.36 2.78
N GLU C 94 -0.46 -10.29 1.68
CA GLU C 94 -1.32 -11.44 1.28
C GLU C 94 -0.47 -12.65 0.86
N VAL C 95 0.71 -12.47 0.28
CA VAL C 95 1.60 -13.63 -0.04
C VAL C 95 2.02 -14.26 1.28
N ALA C 96 2.44 -13.47 2.27
CA ALA C 96 2.87 -14.02 3.58
C ALA C 96 1.74 -14.81 4.22
N LYS C 97 0.49 -14.34 4.14
CA LYS C 97 -0.66 -15.07 4.69
C LYS C 97 -0.84 -16.41 3.93
N GLU C 98 -0.77 -16.36 2.61
CA GLU C 98 -0.96 -17.61 1.83
C GLU C 98 0.14 -18.64 2.13
N VAL C 99 1.40 -18.19 2.13
CA VAL C 99 2.53 -19.12 2.46
C VAL C 99 2.30 -19.74 3.83
N THR C 100 1.88 -18.97 4.81
CA THR C 100 1.66 -19.42 6.20
C THR C 100 0.49 -20.45 6.18
N ARG C 101 -0.61 -20.10 5.56
CA ARG C 101 -1.81 -20.97 5.46
C ARG C 101 -1.43 -22.33 4.88
N LEU C 102 -0.61 -22.34 3.84
CA LEU C 102 -0.25 -23.61 3.15
C LEU C 102 0.68 -24.51 3.98
N GLY C 103 1.42 -23.99 4.94
CA GLY C 103 2.29 -24.83 5.78
C GLY C 103 3.60 -25.18 5.08
N VAL C 104 3.92 -24.55 3.96
CA VAL C 104 5.15 -24.87 3.17
C VAL C 104 6.41 -24.45 3.93
N ASN C 105 7.52 -25.14 3.64
CA ASN C 105 8.82 -24.80 4.26
C ASN C 105 9.67 -23.94 3.32
N SER C 106 9.20 -23.71 2.10
CA SER C 106 9.90 -22.86 1.12
C SER C 106 8.95 -22.29 0.08
N VAL C 107 9.36 -21.18 -0.50
CA VAL C 107 8.59 -20.43 -1.50
C VAL C 107 9.52 -19.75 -2.50
N ALA C 108 9.21 -19.81 -3.79
CA ALA C 108 9.88 -19.13 -4.91
C ALA C 108 9.08 -17.86 -5.19
N ILE C 109 9.73 -16.69 -5.12
N ILE C 109 9.73 -16.70 -5.25
CA ILE C 109 9.07 -15.35 -5.27
CA ILE C 109 9.00 -15.40 -5.32
C ILE C 109 9.80 -14.52 -6.34
C ILE C 109 9.75 -14.43 -6.22
N PRO C 110 9.04 -13.78 -7.17
CA PRO C 110 9.61 -12.71 -8.00
C PRO C 110 9.42 -11.35 -7.29
N LEU C 111 10.14 -10.33 -7.75
CA LEU C 111 9.89 -8.96 -7.21
C LEU C 111 8.66 -8.39 -7.93
N LEU C 112 7.59 -8.28 -7.20
CA LEU C 112 6.32 -7.75 -7.72
C LEU C 112 6.47 -6.30 -8.20
N SER C 113 5.76 -5.98 -9.28
CA SER C 113 5.66 -4.61 -9.85
C SER C 113 7.02 -4.10 -10.35
N THR C 114 7.95 -4.95 -10.77
CA THR C 114 9.26 -4.51 -11.28
C THR C 114 9.49 -4.71 -12.78
N GLY C 115 8.55 -5.32 -13.50
CA GLY C 115 8.72 -5.50 -14.96
C GLY C 115 7.76 -4.58 -15.70
N VAL C 116 6.77 -5.16 -16.38
CA VAL C 116 5.78 -4.39 -17.17
C VAL C 116 4.85 -3.59 -16.25
N TYR C 117 4.81 -3.88 -14.94
CA TYR C 117 3.99 -3.10 -13.95
C TYR C 117 4.86 -2.01 -13.29
N SER C 118 6.12 -1.81 -13.69
CA SER C 118 7.00 -0.81 -13.04
C SER C 118 6.71 0.61 -13.47
N GLY C 119 5.89 0.83 -14.50
CA GLY C 119 5.71 2.17 -15.07
C GLY C 119 7.01 2.78 -15.55
N GLY C 120 8.00 1.97 -15.94
CA GLY C 120 9.31 2.39 -16.47
C GLY C 120 10.31 2.86 -15.43
N LYS C 121 10.08 2.62 -14.14
CA LYS C 121 10.98 3.07 -13.05
C LYS C 121 11.71 1.86 -12.46
N ASP C 122 12.91 2.05 -11.94
CA ASP C 122 13.65 0.96 -11.25
C ASP C 122 13.05 0.79 -9.85
N ARG C 123 12.35 -0.33 -9.59
CA ARG C 123 11.65 -0.53 -8.28
C ARG C 123 12.27 -1.71 -7.52
N LEU C 124 13.54 -2.05 -7.76
CA LEU C 124 14.21 -3.13 -6.99
C LEU C 124 14.11 -2.91 -5.49
N THR C 125 14.65 -1.77 -5.00
CA THR C 125 14.70 -1.51 -3.56
C THR C 125 13.29 -1.45 -2.99
N GLN C 126 12.38 -0.72 -3.66
CA GLN C 126 10.98 -0.58 -3.15
C GLN C 126 10.32 -1.96 -3.00
N SER C 127 10.39 -2.75 -4.06
CA SER C 127 9.72 -4.07 -4.08
C SER C 127 10.37 -5.01 -3.03
N LEU C 128 11.72 -5.04 -3.00
CA LEU C 128 12.42 -5.91 -2.04
C LEU C 128 12.14 -5.48 -0.60
N ASN C 129 12.09 -4.17 -0.32
CA ASN C 129 11.75 -3.69 1.04
C ASN C 129 10.36 -4.20 1.46
N HIS C 130 9.35 -4.11 0.56
CA HIS C 130 8.01 -4.57 0.91
C HIS C 130 8.04 -6.11 1.08
N LEU C 131 8.84 -6.82 0.28
CA LEU C 131 8.96 -8.30 0.40
C LEU C 131 9.45 -8.67 1.79
N PHE C 132 10.52 -7.98 2.24
CA PHE C 132 11.06 -8.26 3.59
C PHE C 132 10.06 -7.88 4.67
N THR C 133 9.37 -6.73 4.56
CA THR C 133 8.41 -6.29 5.59
C THR C 133 7.37 -7.41 5.81
N ALA C 134 6.91 -8.02 4.71
CA ALA C 134 5.85 -9.06 4.80
C ALA C 134 6.42 -10.43 5.22
N MET C 135 7.57 -10.82 4.68
CA MET C 135 8.07 -12.21 4.84
C MET C 135 8.98 -12.37 6.05
N ASP C 136 9.46 -11.29 6.67
CA ASP C 136 10.42 -11.47 7.78
C ASP C 136 9.77 -12.26 8.91
N SER C 137 8.45 -12.15 9.14
CA SER C 137 7.80 -12.85 10.27
C SER C 137 7.38 -14.28 9.91
N THR C 138 7.61 -14.72 8.68
CA THR C 138 7.39 -16.11 8.24
C THR C 138 8.60 -16.98 8.47
N ASP C 139 8.40 -18.29 8.61
CA ASP C 139 9.52 -19.25 8.82
C ASP C 139 9.81 -20.07 7.57
N ALA C 140 9.29 -19.71 6.41
CA ALA C 140 9.65 -20.44 5.16
C ALA C 140 10.99 -19.95 4.64
N ASP C 141 11.78 -20.83 4.02
CA ASP C 141 12.91 -20.42 3.19
C ASP C 141 12.35 -19.64 2.02
N VAL C 142 12.81 -18.44 1.80
CA VAL C 142 12.37 -17.60 0.67
C VAL C 142 13.46 -17.57 -0.37
N VAL C 143 13.17 -17.92 -1.61
CA VAL C 143 14.09 -17.87 -2.75
C VAL C 143 13.59 -16.89 -3.77
N ILE C 144 14.29 -15.77 -3.96
CA ILE C 144 13.92 -14.69 -4.92
C ILE C 144 14.50 -15.00 -6.28
N TYR C 145 13.68 -14.95 -7.32
CA TYR C 145 14.12 -15.24 -8.70
C TYR C 145 14.21 -13.93 -9.48
N CYS C 146 15.31 -13.75 -10.19
CA CYS C 146 15.47 -12.58 -11.08
C CYS C 146 16.12 -13.02 -12.40
N ARG C 147 16.21 -12.10 -13.36
CA ARG C 147 16.72 -12.43 -14.73
C ARG C 147 18.02 -11.69 -15.06
N ASP C 148 18.27 -10.56 -14.39
CA ASP C 148 19.37 -9.62 -14.70
C ASP C 148 20.52 -9.82 -13.70
N LYS C 149 21.76 -9.86 -14.19
CA LYS C 149 22.95 -10.05 -13.32
C LYS C 149 23.17 -8.86 -12.37
N GLU C 150 22.88 -7.62 -12.79
CA GLU C 150 23.03 -6.44 -11.91
C GLU C 150 21.98 -6.53 -10.78
N TRP C 151 20.77 -6.98 -11.10
CA TRP C 151 19.69 -7.13 -10.07
C TRP C 151 20.09 -8.25 -9.09
N GLU C 152 20.63 -9.37 -9.59
CA GLU C 152 21.08 -10.47 -8.71
C GLU C 152 22.08 -9.96 -7.65
N LYS C 153 23.07 -9.18 -8.11
CA LYS C 153 24.12 -8.55 -7.28
C LYS C 153 23.48 -7.64 -6.22
N LYS C 154 22.58 -6.73 -6.62
CA LYS C 154 21.92 -5.75 -5.71
C LYS C 154 21.07 -6.51 -4.68
N ILE C 155 20.32 -7.53 -5.12
CA ILE C 155 19.45 -8.28 -4.18
C ILE C 155 20.31 -9.06 -3.17
N SER C 156 21.39 -9.70 -3.63
CA SER C 156 22.30 -10.44 -2.71
C SER C 156 22.92 -9.48 -1.69
N GLU C 157 23.41 -8.33 -2.13
CA GLU C 157 23.97 -7.29 -1.23
C GLU C 157 22.95 -6.97 -0.13
N ALA C 158 21.69 -6.75 -0.49
CA ALA C 158 20.63 -6.37 0.48
C ALA C 158 20.40 -7.50 1.52
N ILE C 159 20.39 -8.75 1.06
CA ILE C 159 20.16 -9.93 1.93
C ILE C 159 21.33 -10.01 2.92
N GLN C 160 22.55 -9.92 2.39
CA GLN C 160 23.76 -10.14 3.22
C GLN C 160 23.91 -9.02 4.26
N MET C 161 23.51 -7.79 3.92
CA MET C 161 23.62 -6.59 4.80
C MET C 161 22.99 -6.87 6.16
N ARG C 162 21.93 -7.69 6.21
CA ARG C 162 21.12 -7.91 7.45
C ARG C 162 21.61 -9.10 8.27
N THR C 163 22.47 -9.96 7.71
CA THR C 163 23.03 -11.16 8.40
C THR C 163 24.38 -10.76 9.02
N PRO D 5 5.68 -22.95 40.67
CA PRO D 5 6.38 -21.68 40.37
C PRO D 5 5.68 -20.49 41.04
N SER D 6 6.26 -19.30 40.89
N SER D 6 6.34 -19.34 41.03
CA SER D 6 5.83 -18.02 41.52
CA SER D 6 5.81 -18.02 41.51
C SER D 6 5.87 -16.88 40.50
C SER D 6 5.71 -17.08 40.30
N TYR D 7 4.78 -16.13 40.35
CA TYR D 7 4.59 -15.15 39.26
C TYR D 7 4.56 -13.75 39.84
N ARG D 8 5.29 -12.84 39.20
CA ARG D 8 5.28 -11.39 39.44
C ARG D 8 5.25 -10.67 38.11
N VAL D 9 4.88 -9.42 38.12
CA VAL D 9 4.90 -8.54 36.93
C VAL D 9 5.67 -7.27 37.26
N LYS D 10 6.46 -6.79 36.32
CA LYS D 10 7.24 -5.53 36.43
C LYS D 10 6.99 -4.71 35.16
N ARG D 11 6.76 -3.40 35.33
CA ARG D 11 6.57 -2.43 34.22
C ARG D 11 7.94 -1.80 33.91
N MET D 12 8.80 -2.55 33.23
CA MET D 12 10.16 -2.06 32.91
C MET D 12 10.70 -2.78 31.68
N ASP D 13 11.77 -2.22 31.15
CA ASP D 13 12.55 -2.72 29.98
C ASP D 13 13.08 -4.11 30.33
N ILE D 14 12.65 -5.14 29.60
CA ILE D 14 13.09 -6.54 29.91
C ILE D 14 14.61 -6.65 29.75
N ALA D 15 15.21 -5.77 28.96
CA ALA D 15 16.67 -5.74 28.73
C ALA D 15 17.37 -5.35 30.04
N LYS D 16 16.64 -4.90 31.06
CA LYS D 16 17.20 -4.50 32.38
C LYS D 16 16.68 -5.44 33.47
N ASN D 17 16.26 -6.65 33.14
CA ASN D 17 15.68 -7.60 34.11
C ASN D 17 16.68 -8.03 35.20
N ASP D 18 16.17 -8.51 36.33
CA ASP D 18 16.94 -8.96 37.52
C ASP D 18 16.83 -10.46 37.67
N GLU D 19 16.64 -11.21 36.59
CA GLU D 19 16.47 -12.67 36.64
C GLU D 19 17.66 -13.40 36.02
N GLU D 20 17.73 -14.70 36.20
CA GLU D 20 18.90 -15.53 35.76
C GLU D 20 18.94 -15.76 34.26
N CYS D 21 17.83 -15.50 33.53
CA CYS D 21 17.80 -15.70 32.07
C CYS D 21 16.63 -14.88 31.53
N VAL D 22 16.63 -14.67 30.21
CA VAL D 22 15.60 -13.84 29.55
C VAL D 22 15.03 -14.61 28.39
N VAL D 23 13.71 -14.38 28.17
CA VAL D 23 13.02 -14.85 26.94
C VAL D 23 12.89 -13.68 25.98
N ASN D 24 13.41 -13.84 24.78
CA ASN D 24 13.27 -12.87 23.68
C ASN D 24 11.97 -13.16 22.92
N ALA D 25 11.20 -12.12 22.63
CA ALA D 25 10.07 -12.22 21.66
C ALA D 25 10.67 -12.11 20.25
N ALA D 26 11.20 -13.23 19.78
CA ALA D 26 12.04 -13.28 18.59
C ALA D 26 11.27 -13.37 17.28
N ASN D 27 11.93 -13.12 16.19
CA ASN D 27 11.40 -13.40 14.84
C ASN D 27 12.07 -14.68 14.37
N PRO D 28 11.50 -15.37 13.38
CA PRO D 28 12.05 -16.66 13.00
C PRO D 28 13.44 -16.60 12.36
N ARG D 29 13.86 -15.42 11.92
CA ARG D 29 15.07 -15.24 11.07
C ARG D 29 16.26 -14.86 11.93
N GLY D 30 16.06 -14.63 13.21
CA GLY D 30 17.15 -14.12 14.06
C GLY D 30 17.56 -12.73 13.68
N LEU D 31 16.67 -11.90 13.12
CA LEU D 31 16.97 -10.48 12.82
C LEU D 31 16.79 -9.62 14.08
N PRO D 32 17.45 -8.45 14.13
CA PRO D 32 17.33 -7.54 15.27
C PRO D 32 15.88 -7.11 15.55
N GLY D 33 15.08 -6.94 14.50
CA GLY D 33 13.65 -6.62 14.70
C GLY D 33 13.38 -5.26 15.32
N ASP D 34 12.29 -5.17 16.06
CA ASP D 34 11.81 -3.94 16.74
C ASP D 34 11.24 -4.36 18.11
N GLY D 35 10.91 -3.40 18.96
CA GLY D 35 10.30 -3.70 20.27
C GLY D 35 11.26 -4.47 21.19
N VAL D 36 10.71 -5.42 21.93
CA VAL D 36 11.49 -6.30 22.84
C VAL D 36 12.70 -6.84 22.06
N CYS D 37 12.48 -7.39 20.88
CA CYS D 37 13.57 -8.03 20.10
C CYS D 37 14.72 -7.03 19.92
N LYS D 38 14.44 -5.76 19.57
CA LYS D 38 15.53 -4.79 19.29
C LYS D 38 16.28 -4.46 20.59
N ALA D 39 15.56 -4.43 21.70
CA ALA D 39 16.18 -4.14 23.02
C ALA D 39 17.10 -5.29 23.41
N VAL D 40 16.68 -6.52 23.13
CA VAL D 40 17.42 -7.75 23.44
C VAL D 40 18.66 -7.71 22.54
N TYR D 41 18.50 -7.32 21.26
CA TYR D 41 19.65 -7.27 20.32
C TYR D 41 20.72 -6.25 20.81
N LYS D 42 20.29 -5.11 21.32
CA LYS D 42 21.25 -4.05 21.76
C LYS D 42 21.94 -4.47 23.06
N LYS D 43 21.26 -5.27 23.90
CA LYS D 43 21.82 -5.68 25.22
C LYS D 43 22.68 -6.94 25.10
N TRP D 44 22.26 -7.92 24.31
CA TRP D 44 22.88 -9.24 24.20
C TRP D 44 23.08 -9.60 22.72
N PRO D 45 23.79 -8.78 21.91
CA PRO D 45 23.89 -9.05 20.47
C PRO D 45 24.55 -10.39 20.17
N GLU D 46 25.46 -10.88 21.01
CA GLU D 46 26.17 -12.15 20.77
C GLU D 46 25.19 -13.31 20.78
N SER D 47 24.03 -13.14 21.44
CA SER D 47 23.01 -14.21 21.53
C SER D 47 22.25 -14.39 20.22
N PHE D 48 22.49 -13.55 19.21
CA PHE D 48 21.82 -13.70 17.89
C PHE D 48 22.66 -14.57 16.92
N LYS D 49 23.78 -15.16 17.38
CA LYS D 49 24.55 -16.12 16.55
C LYS D 49 23.72 -17.40 16.38
N ASN D 50 23.26 -17.66 15.15
CA ASN D 50 22.48 -18.87 14.83
C ASN D 50 21.26 -18.98 15.76
N SER D 51 20.55 -17.86 15.97
CA SER D 51 19.33 -17.84 16.78
C SER D 51 18.08 -18.12 15.92
N ALA D 52 18.17 -18.10 14.60
CA ALA D 52 17.00 -18.37 13.72
C ALA D 52 16.39 -19.73 14.10
N THR D 53 15.05 -19.81 14.15
CA THR D 53 14.30 -21.02 14.57
C THR D 53 12.87 -20.85 14.09
N PRO D 54 12.15 -21.95 13.89
CA PRO D 54 10.81 -21.82 13.35
C PRO D 54 9.82 -21.21 14.37
N VAL D 55 8.68 -20.77 13.81
CA VAL D 55 7.51 -20.40 14.65
C VAL D 55 7.12 -21.56 15.56
N GLY D 56 6.75 -21.27 16.80
CA GLY D 56 6.35 -22.29 17.79
C GLY D 56 7.48 -22.97 18.49
N THR D 57 8.72 -22.50 18.30
CA THR D 57 9.92 -23.09 18.92
C THR D 57 10.68 -22.05 19.73
N ALA D 58 11.57 -22.59 20.56
CA ALA D 58 12.48 -21.74 21.35
C ALA D 58 13.90 -22.27 21.17
N LYS D 59 14.83 -21.36 21.01
CA LYS D 59 16.27 -21.72 20.86
C LYS D 59 17.09 -20.82 21.79
N THR D 60 17.85 -21.46 22.68
CA THR D 60 18.67 -20.75 23.70
C THR D 60 20.09 -20.54 23.15
N VAL D 61 20.55 -19.31 23.23
CA VAL D 61 21.93 -18.92 22.86
C VAL D 61 22.49 -18.14 24.03
N MET D 62 23.71 -18.47 24.45
CA MET D 62 24.38 -17.76 25.57
C MET D 62 24.98 -16.43 25.10
N CYS D 63 24.91 -15.41 25.93
CA CYS D 63 25.69 -14.19 25.80
C CYS D 63 26.61 -14.19 27.02
N GLY D 64 27.86 -14.60 26.84
CA GLY D 64 28.68 -14.91 28.03
C GLY D 64 28.14 -16.17 28.65
N THR D 65 27.71 -16.12 29.92
CA THR D 65 27.04 -17.23 30.59
C THR D 65 25.55 -16.92 30.80
N TYR D 66 25.07 -15.82 30.23
CA TYR D 66 23.67 -15.37 30.43
C TYR D 66 22.82 -15.98 29.30
N PRO D 67 21.81 -16.84 29.63
CA PRO D 67 21.01 -17.48 28.60
C PRO D 67 19.89 -16.60 28.04
N VAL D 68 19.84 -16.50 26.71
CA VAL D 68 18.77 -15.77 25.98
C VAL D 68 17.96 -16.85 25.26
N ILE D 69 16.70 -17.03 25.68
CA ILE D 69 15.80 -18.07 25.14
C ILE D 69 15.00 -17.38 24.04
N HIS D 70 15.36 -17.59 22.76
CA HIS D 70 14.66 -16.90 21.66
C HIS D 70 13.37 -17.69 21.35
N ALA D 71 12.22 -17.13 21.67
CA ALA D 71 10.92 -17.84 21.51
C ALA D 71 10.14 -17.15 20.39
N VAL D 72 9.74 -17.93 19.41
CA VAL D 72 9.08 -17.37 18.20
C VAL D 72 7.56 -17.60 18.29
N GLY D 73 6.85 -16.58 18.71
CA GLY D 73 5.38 -16.63 18.68
C GLY D 73 4.92 -16.39 17.25
N PRO D 74 3.67 -16.77 16.93
CA PRO D 74 3.10 -16.51 15.64
C PRO D 74 2.74 -15.05 15.43
N ASN D 75 2.86 -14.59 14.18
CA ASN D 75 2.31 -13.30 13.73
C ASN D 75 0.86 -13.52 13.32
N PHE D 76 -0.08 -13.04 14.12
CA PHE D 76 -1.52 -13.20 13.79
C PHE D 76 -1.93 -12.41 12.54
N SER D 77 -1.13 -11.54 11.94
CA SER D 77 -1.38 -11.05 10.57
C SER D 77 -1.31 -12.20 9.56
N ASN D 78 -0.53 -13.25 9.84
CA ASN D 78 -0.26 -14.32 8.84
C ASN D 78 -1.08 -15.55 9.17
N TYR D 79 -1.26 -15.89 10.46
CA TYR D 79 -1.89 -17.15 10.91
C TYR D 79 -3.37 -16.88 11.16
N THR D 80 -4.20 -17.90 10.92
CA THR D 80 -5.60 -17.85 11.41
C THR D 80 -5.62 -17.85 12.93
N GLU D 81 -6.74 -17.43 13.53
CA GLU D 81 -6.88 -17.56 15.00
C GLU D 81 -6.62 -18.99 15.47
N SER D 82 -7.19 -20.00 14.80
CA SER D 82 -7.05 -21.42 15.17
C SER D 82 -5.56 -21.85 15.09
N GLU D 83 -4.90 -21.63 13.94
CA GLU D 83 -3.51 -22.17 13.81
C GLU D 83 -2.54 -21.36 14.69
N GLY D 84 -2.76 -20.07 14.78
CA GLY D 84 -1.97 -19.16 15.65
C GLY D 84 -2.06 -19.55 17.11
N ASP D 85 -3.26 -19.88 17.60
CA ASP D 85 -3.40 -20.30 19.01
C ASP D 85 -2.54 -21.52 19.32
N ARG D 86 -2.46 -22.50 18.42
CA ARG D 86 -1.67 -23.72 18.59
C ARG D 86 -0.18 -23.30 18.64
N GLU D 87 0.26 -22.43 17.73
CA GLU D 87 1.70 -22.04 17.69
C GLU D 87 2.07 -21.23 18.92
N LEU D 88 1.17 -20.44 19.48
CA LEU D 88 1.45 -19.60 20.66
C LEU D 88 1.61 -20.53 21.85
N ALA D 89 0.74 -21.53 22.00
CA ALA D 89 0.86 -22.58 23.04
C ALA D 89 2.22 -23.26 22.92
N ALA D 90 2.61 -23.64 21.71
CA ALA D 90 3.84 -24.41 21.42
C ALA D 90 5.06 -23.55 21.79
N ALA D 91 5.08 -22.27 21.44
CA ALA D 91 6.27 -21.43 21.78
C ALA D 91 6.47 -21.42 23.30
N TYR D 92 5.43 -21.23 24.08
CA TYR D 92 5.53 -21.20 25.56
C TYR D 92 5.91 -22.56 26.11
N ARG D 93 5.35 -23.66 25.56
CA ARG D 93 5.73 -25.05 25.93
C ARG D 93 7.25 -25.18 25.81
N GLU D 94 7.80 -24.74 24.68
CA GLU D 94 9.27 -24.88 24.40
C GLU D 94 10.07 -23.97 25.33
N VAL D 95 9.58 -22.77 25.67
CA VAL D 95 10.22 -21.89 26.71
C VAL D 95 10.31 -22.68 28.02
N ALA D 96 9.21 -23.29 28.48
CA ALA D 96 9.18 -24.02 29.77
C ALA D 96 10.22 -25.14 29.77
N LYS D 97 10.33 -25.89 28.67
CA LYS D 97 11.27 -27.03 28.54
C LYS D 97 12.72 -26.52 28.61
N GLU D 98 12.99 -25.34 28.05
CA GLU D 98 14.35 -24.73 28.14
C GLU D 98 14.63 -24.22 29.56
N VAL D 99 13.69 -23.53 30.21
CA VAL D 99 13.84 -23.10 31.62
C VAL D 99 14.18 -24.31 32.50
N THR D 100 13.45 -25.43 32.37
CA THR D 100 13.70 -26.63 33.21
C THR D 100 15.11 -27.14 32.90
N ARG D 101 15.43 -27.29 31.62
CA ARG D 101 16.73 -27.87 31.15
C ARG D 101 17.89 -27.05 31.72
N LEU D 102 17.79 -25.72 31.71
CA LEU D 102 18.90 -24.84 32.13
C LEU D 102 19.06 -24.87 33.65
N GLY D 103 18.02 -25.27 34.38
CA GLY D 103 18.00 -25.39 35.85
C GLY D 103 18.08 -24.04 36.55
N VAL D 104 17.66 -22.97 35.87
CA VAL D 104 17.66 -21.61 36.47
C VAL D 104 16.66 -21.52 37.62
N ASN D 105 16.85 -20.53 38.48
CA ASN D 105 15.91 -20.25 39.59
C ASN D 105 14.84 -19.24 39.15
N SER D 106 15.11 -18.45 38.11
CA SER D 106 14.26 -17.30 37.73
C SER D 106 14.38 -17.03 36.24
N VAL D 107 13.30 -16.51 35.66
CA VAL D 107 13.24 -16.17 34.21
C VAL D 107 12.43 -14.89 34.04
N ALA D 108 12.90 -13.98 33.20
CA ALA D 108 12.22 -12.76 32.70
C ALA D 108 11.52 -13.11 31.40
N ILE D 109 10.22 -12.85 31.28
N ILE D 109 10.20 -12.89 31.32
CA ILE D 109 9.43 -13.31 30.09
CA ILE D 109 9.36 -13.27 30.15
C ILE D 109 8.44 -12.22 29.68
C ILE D 109 8.50 -12.09 29.70
N PRO D 110 8.38 -11.86 28.38
CA PRO D 110 7.38 -10.94 27.86
C PRO D 110 6.17 -11.72 27.36
N LEU D 111 5.06 -11.01 27.10
CA LEU D 111 3.85 -11.68 26.56
C LEU D 111 4.00 -11.79 25.06
N LEU D 112 4.27 -13.01 24.60
CA LEU D 112 4.47 -13.28 23.18
C LEU D 112 3.24 -12.92 22.35
N SER D 113 3.47 -12.42 21.16
CA SER D 113 2.40 -12.16 20.13
C SER D 113 1.45 -11.05 20.57
N THR D 114 1.84 -10.17 21.50
CA THR D 114 0.94 -9.07 21.99
C THR D 114 1.26 -7.70 21.40
N GLY D 115 2.34 -7.55 20.66
CA GLY D 115 2.75 -6.30 20.02
C GLY D 115 2.52 -6.31 18.53
N VAL D 116 3.56 -6.16 17.72
CA VAL D 116 3.39 -6.09 16.24
C VAL D 116 3.01 -7.47 15.67
N TYR D 117 3.07 -8.56 16.44
CA TYR D 117 2.55 -9.88 15.99
C TYR D 117 1.08 -10.10 16.43
N SER D 118 0.40 -9.09 16.98
CA SER D 118 -0.98 -9.28 17.50
C SER D 118 -2.07 -9.23 16.42
N GLY D 119 -1.75 -8.83 15.19
CA GLY D 119 -2.74 -8.71 14.10
C GLY D 119 -3.75 -7.63 14.48
N GLY D 120 -3.34 -6.66 15.31
CA GLY D 120 -4.17 -5.50 15.69
C GLY D 120 -5.19 -5.82 16.77
N LYS D 121 -5.10 -6.96 17.45
CA LYS D 121 -6.04 -7.42 18.49
C LYS D 121 -5.35 -7.34 19.86
N ASP D 122 -6.16 -7.12 20.91
CA ASP D 122 -5.72 -7.19 22.32
C ASP D 122 -5.62 -8.66 22.69
N ARG D 123 -4.39 -9.17 22.88
CA ARG D 123 -4.11 -10.59 23.20
C ARG D 123 -3.49 -10.75 24.59
N LEU D 124 -3.67 -9.78 25.50
CA LEU D 124 -3.13 -9.91 26.89
C LEU D 124 -3.61 -11.22 27.51
N THR D 125 -4.95 -11.44 27.60
CA THR D 125 -5.50 -12.62 28.29
C THR D 125 -5.07 -13.92 27.62
N GLN D 126 -5.11 -13.94 26.29
CA GLN D 126 -4.77 -15.14 25.49
C GLN D 126 -3.28 -15.50 25.76
N SER D 127 -2.43 -14.50 25.57
CA SER D 127 -0.96 -14.75 25.72
C SER D 127 -0.63 -15.14 27.18
N LEU D 128 -1.22 -14.42 28.16
CA LEU D 128 -0.97 -14.74 29.58
C LEU D 128 -1.47 -16.14 29.95
N ASN D 129 -2.61 -16.56 29.40
CA ASN D 129 -3.22 -17.88 29.69
C ASN D 129 -2.26 -18.99 29.21
N HIS D 130 -1.68 -18.86 28.01
CA HIS D 130 -0.70 -19.86 27.48
C HIS D 130 0.60 -19.82 28.34
N LEU D 131 1.00 -18.63 28.78
CA LEU D 131 2.21 -18.48 29.65
C LEU D 131 2.01 -19.27 30.95
N PHE D 132 0.87 -19.05 31.62
CA PHE D 132 0.62 -19.78 32.89
C PHE D 132 0.56 -21.29 32.62
N THR D 133 -0.13 -21.73 31.59
CA THR D 133 -0.28 -23.18 31.31
C THR D 133 1.10 -23.83 31.18
N ALA D 134 2.00 -23.18 30.45
CA ALA D 134 3.34 -23.75 30.19
C ALA D 134 4.21 -23.64 31.45
N MET D 135 4.23 -22.47 32.09
CA MET D 135 5.27 -22.18 33.11
C MET D 135 4.83 -22.83 34.42
N ASP D 136 3.56 -23.21 34.58
CA ASP D 136 3.14 -23.94 35.80
C ASP D 136 3.89 -25.27 35.92
N SER D 137 4.46 -25.80 34.82
CA SER D 137 5.15 -27.11 34.83
C SER D 137 6.59 -26.97 35.32
N THR D 138 7.09 -25.74 35.47
CA THR D 138 8.47 -25.45 36.00
C THR D 138 8.43 -25.13 37.49
N ASP D 139 9.58 -24.95 38.13
CA ASP D 139 9.58 -24.47 39.54
C ASP D 139 10.32 -23.14 39.66
N ALA D 140 10.42 -22.35 38.57
CA ALA D 140 11.17 -21.09 38.57
C ALA D 140 10.27 -19.96 39.04
N ASP D 141 10.88 -18.93 39.64
CA ASP D 141 10.29 -17.60 39.79
C ASP D 141 10.16 -17.00 38.40
N VAL D 142 8.92 -16.73 37.99
CA VAL D 142 8.65 -16.13 36.66
C VAL D 142 8.31 -14.67 36.88
N VAL D 143 9.00 -13.79 36.17
CA VAL D 143 8.79 -12.34 36.21
C VAL D 143 8.39 -11.86 34.80
N ILE D 144 7.13 -11.45 34.67
CA ILE D 144 6.56 -10.96 33.39
C ILE D 144 6.85 -9.48 33.26
N TYR D 145 7.35 -9.06 32.09
CA TYR D 145 7.73 -7.68 31.78
C TYR D 145 6.71 -7.09 30.80
N CYS D 146 6.22 -5.88 31.09
CA CYS D 146 5.31 -5.07 30.22
C CYS D 146 5.74 -3.62 30.26
N ARG D 147 5.11 -2.77 29.43
N ARG D 147 5.12 -2.76 29.44
CA ARG D 147 5.42 -1.33 29.29
CA ARG D 147 5.42 -1.31 29.39
C ARG D 147 4.22 -0.47 29.72
C ARG D 147 4.20 -0.50 29.85
N ASP D 148 2.99 -0.93 29.51
CA ASP D 148 1.76 -0.13 29.74
C ASP D 148 1.23 -0.33 31.17
N LYS D 149 0.81 0.76 31.82
CA LYS D 149 0.28 0.75 33.22
C LYS D 149 -1.02 -0.05 33.29
N GLU D 150 -1.90 0.09 32.29
CA GLU D 150 -3.18 -0.67 32.28
C GLU D 150 -2.86 -2.16 32.13
N TRP D 151 -1.89 -2.51 31.29
CA TRP D 151 -1.47 -3.94 31.14
C TRP D 151 -0.86 -4.44 32.45
N GLU D 152 -0.01 -3.63 33.09
CA GLU D 152 0.58 -4.01 34.41
C GLU D 152 -0.53 -4.39 35.40
N LYS D 153 -1.52 -3.52 35.53
CA LYS D 153 -2.68 -3.70 36.45
C LYS D 153 -3.40 -5.01 36.09
N LYS D 154 -3.69 -5.20 34.81
CA LYS D 154 -4.47 -6.36 34.29
C LYS D 154 -3.69 -7.66 34.52
N ILE D 155 -2.36 -7.65 34.28
CA ILE D 155 -1.50 -8.85 34.52
C ILE D 155 -1.48 -9.20 36.02
N SER D 156 -1.29 -8.19 36.88
CA SER D 156 -1.24 -8.34 38.35
C SER D 156 -2.54 -8.94 38.87
N GLU D 157 -3.69 -8.43 38.40
CA GLU D 157 -5.02 -8.97 38.78
C GLU D 157 -5.12 -10.45 38.37
N ALA D 158 -4.66 -10.83 37.17
CA ALA D 158 -4.75 -12.24 36.73
C ALA D 158 -3.89 -13.12 37.63
N ILE D 159 -2.71 -12.62 38.03
CA ILE D 159 -1.84 -13.37 38.96
C ILE D 159 -2.58 -13.55 40.29
N GLN D 160 -3.11 -12.45 40.85
CA GLN D 160 -3.81 -12.43 42.17
C GLN D 160 -4.96 -13.44 42.14
N MET D 161 -5.71 -13.47 41.04
CA MET D 161 -6.98 -14.24 40.93
C MET D 161 -6.75 -15.76 40.95
N ARG D 162 -5.54 -16.26 40.64
CA ARG D 162 -5.28 -17.73 40.61
C ARG D 162 -4.81 -18.22 41.99
N THR D 163 -4.51 -17.31 42.91
CA THR D 163 -4.11 -17.68 44.30
C THR D 163 -5.39 -18.03 45.07
S DMS E . -6.73 5.40 2.93
O DMS E . -5.28 5.21 3.48
C1 DMS E . -6.81 6.92 2.20
C2 DMS E . -7.81 5.67 4.33
S DMS F . -3.19 23.77 10.02
O DMS F . -3.61 22.34 9.87
C1 DMS F . -1.45 23.74 10.39
C2 DMS F . -3.78 24.29 11.61
S DMS G . 13.59 9.52 6.57
O DMS G . 13.69 10.12 5.18
C1 DMS G . 11.93 9.72 7.08
C2 DMS G . 14.31 10.71 7.68
S DMS H . -2.74 25.78 3.74
O DMS H . -2.25 24.40 4.10
C1 DMS H . -4.41 25.87 4.30
C2 DMS H . -3.08 25.74 2.00
S DMS I . -0.17 25.60 -13.97
O DMS I . 0.17 24.24 -14.30
C1 DMS I . -1.70 25.94 -14.87
C2 DMS I . 0.93 26.68 -14.86
CL CL J . -6.33 27.82 -2.10
CL CL K . -10.42 16.64 -5.06
N1 W17 L . -8.33 21.88 3.06
C4 W17 L . -8.28 24.81 2.70
C5 W17 L . -6.56 21.84 1.67
O W17 L . -5.62 19.53 0.16
C W17 L . -6.52 19.37 0.99
N W17 L . -6.99 18.17 1.31
C1 W17 L . -7.09 20.56 1.69
N2 W17 L . -7.30 22.59 2.50
C2 W17 L . -8.19 20.66 2.56
C3 W17 L . -7.06 23.96 2.92
O1 W17 L . -8.65 24.77 1.34
S DMS M . -11.65 20.68 -7.47
O DMS M . -11.22 20.88 -6.02
C1 DMS M . -11.24 18.98 -7.82
C2 DMS M . -13.44 20.54 -7.52
S DMS N . 2.57 0.20 4.08
O DMS N . 2.49 0.91 2.73
C1 DMS N . 0.91 -0.16 4.57
C2 DMS N . 2.91 1.43 5.33
S DMS O . -22.96 2.80 -13.38
O DMS O . -22.50 3.27 -14.78
C1 DMS O . -21.54 2.86 -12.38
C2 DMS O . -23.13 1.05 -13.51
S DMS P . -23.88 9.57 -12.16
O DMS P . -23.10 10.82 -11.96
C1 DMS P . -24.30 9.52 -13.88
C2 DMS P . -25.50 9.94 -11.53
S DMS Q . -26.48 -3.15 -11.88
O DMS Q . -26.01 -2.46 -13.11
C1 DMS Q . -25.99 -4.84 -12.02
C2 DMS Q . -28.23 -3.39 -12.06
CL CL R . -22.55 -4.01 -13.27
CL CL S . -25.83 5.18 -14.60
S DMS T . 8.36 -9.33 -12.71
O DMS T . 7.33 -9.43 -11.61
C1 DMS T . 9.59 -10.58 -12.38
C2 DMS T . 7.65 -10.04 -14.17
CL CL U . -8.95 -5.07 -9.10
CL CL V . 5.58 -6.87 -13.21
S DMS W . 5.19 -28.30 -19.27
O DMS W . 3.87 -28.24 -18.48
C1 DMS W . 6.28 -27.17 -18.59
C2 DMS W . 4.86 -27.44 -20.82
S DMS X . 1.91 -8.86 -15.68
O DMS X . 1.80 -9.04 -14.19
C1 DMS X . 0.96 -10.16 -16.44
C2 DMS X . 3.53 -9.41 -16.14
S DMS Y . 5.58 -8.21 22.84
O DMS Y . 6.98 -8.76 22.65
C1 DMS Y . 5.53 -6.69 21.94
C2 DMS Y . 5.55 -7.52 24.46
S DMS Z . 25.07 -2.55 26.28
O DMS Z . 23.65 -2.62 26.79
C1 DMS Z . 25.02 -1.73 24.70
C2 DMS Z . 25.58 -4.19 25.75
S DMS AA . 22.76 -23.86 25.18
O DMS AA . 21.97 -23.66 26.46
C1 DMS AA . 22.84 -22.28 24.41
C2 DMS AA . 21.68 -24.67 24.04
CL CL BA . 2.63 -3.83 27.55
N1 W17 CA . 9.21 -2.35 23.30
C4 W17 CA . 6.28 -2.42 23.20
C5 W17 CA . 9.00 -3.80 24.99
O W17 CA . 10.98 -4.28 27.10
C W17 CA . 11.24 -3.47 26.21
N W17 CA . 12.39 -2.83 26.14
C1 W17 CA . 10.23 -3.20 25.13
N2 W17 CA . 8.43 -3.29 23.89
C2 W17 CA . 10.29 -2.30 24.05
C3 W17 CA . 7.16 -3.65 23.29
O1 W17 CA . 5.89 -2.00 24.49
S DMS DA . 1.67 -3.10 23.60
O DMS DA . 0.60 -4.02 23.09
C1 DMS DA . 2.21 -2.14 22.21
C2 DMS DA . 3.13 -4.09 23.79
#